data_5YV7
# 
_entry.id   5YV7 
# 
_audit_conform.dict_name       mmcif_pdbx.dic 
_audit_conform.dict_version    5.398 
_audit_conform.dict_location   http://mmcif.pdb.org/dictionaries/ascii/mmcif_pdbx.dic 
# 
loop_
_database_2.database_id 
_database_2.database_code 
_database_2.pdbx_database_accession 
_database_2.pdbx_DOI 
PDB   5YV7         pdb_00005yv7 10.2210/pdb5yv7/pdb 
WWPDB D_1300005964 ?            ?                   
# 
loop_
_pdbx_audit_revision_history.ordinal 
_pdbx_audit_revision_history.data_content_type 
_pdbx_audit_revision_history.major_revision 
_pdbx_audit_revision_history.minor_revision 
_pdbx_audit_revision_history.revision_date 
1 'Structure model' 1 0 2017-12-27 
2 'Structure model' 1 1 2023-11-22 
3 'Structure model' 1 2 2024-11-06 
# 
_pdbx_audit_revision_details.ordinal             1 
_pdbx_audit_revision_details.revision_ordinal    1 
_pdbx_audit_revision_details.data_content_type   'Structure model' 
_pdbx_audit_revision_details.provider            repository 
_pdbx_audit_revision_details.type                'Initial release' 
_pdbx_audit_revision_details.description         ? 
_pdbx_audit_revision_details.details             ? 
# 
loop_
_pdbx_audit_revision_group.ordinal 
_pdbx_audit_revision_group.revision_ordinal 
_pdbx_audit_revision_group.data_content_type 
_pdbx_audit_revision_group.group 
1 2 'Structure model' 'Data collection'        
2 2 'Structure model' 'Database references'    
3 2 'Structure model' 'Refinement description' 
4 3 'Structure model' 'Structure summary'      
# 
loop_
_pdbx_audit_revision_category.ordinal 
_pdbx_audit_revision_category.revision_ordinal 
_pdbx_audit_revision_category.data_content_type 
_pdbx_audit_revision_category.category 
1 2 'Structure model' chem_comp_atom                
2 2 'Structure model' chem_comp_bond                
3 2 'Structure model' database_2                    
4 2 'Structure model' pdbx_initial_refinement_model 
5 3 'Structure model' pdbx_entry_details            
6 3 'Structure model' pdbx_modification_feature     
# 
loop_
_pdbx_audit_revision_item.ordinal 
_pdbx_audit_revision_item.revision_ordinal 
_pdbx_audit_revision_item.data_content_type 
_pdbx_audit_revision_item.item 
1 2 'Structure model' '_database_2.pdbx_DOI'                
2 2 'Structure model' '_database_2.pdbx_database_accession' 
# 
_pdbx_database_status.status_code                     REL 
_pdbx_database_status.status_code_sf                  REL 
_pdbx_database_status.status_code_mr                  ? 
_pdbx_database_status.entry_id                        5YV7 
_pdbx_database_status.recvd_initial_deposition_date   2017-11-24 
_pdbx_database_status.SG_entry                        N 
_pdbx_database_status.deposit_site                    PDBJ 
_pdbx_database_status.process_site                    PDBJ 
_pdbx_database_status.status_code_cs                  ? 
_pdbx_database_status.methods_development_category    ? 
_pdbx_database_status.pdb_format_compatible           Y 
_pdbx_database_status.status_code_nmr_data            ? 
# 
loop_
_audit_author.name 
_audit_author.pdbx_ordinal 
_audit_author.identifier_ORCID 
'Shuai, G.' 1 ? 
'Qian, Q.'  2 ? 
'Lei, L.'   3 ? 
# 
_citation.abstract                  ? 
_citation.abstract_id_CAS           ? 
_citation.book_id_ISBN              ? 
_citation.book_publisher            ? 
_citation.book_publisher_city       ? 
_citation.book_title                ? 
_citation.coordinate_linkage        ? 
_citation.country                   ? 
_citation.database_id_Medline       ? 
_citation.details                   ? 
_citation.id                        primary 
_citation.journal_abbrev            'To Be Published' 
_citation.journal_id_ASTM           ? 
_citation.journal_id_CSD            0353 
_citation.journal_id_ISSN           ? 
_citation.journal_full              ? 
_citation.journal_issue             ? 
_citation.journal_volume            ? 
_citation.language                  ? 
_citation.page_first                ? 
_citation.page_last                 ? 
_citation.title                     'Racemic X-ray Structure of Calcicludine' 
_citation.year                      ? 
_citation.database_id_CSD           ? 
_citation.pdbx_database_id_DOI      ? 
_citation.pdbx_database_id_PubMed   ? 
_citation.unpublished_flag          ? 
# 
loop_
_citation_author.citation_id 
_citation_author.name 
_citation_author.ordinal 
_citation_author.identifier_ORCID 
primary 'Shuai, G.' 1 ? 
primary 'Qian, Q.'  2 ? 
primary 'Lei, L.'   3 ? 
# 
loop_
_entity.id 
_entity.type 
_entity.src_method 
_entity.pdbx_description 
_entity.formula_weight 
_entity.pdbx_number_of_molecules 
_entity.pdbx_ec 
_entity.pdbx_mutation 
_entity.pdbx_fragment 
_entity.details 
1 polymer syn 'Kunitz-type serine protease inhibitor homolog calcicludine' 6998.273 1  ? ? ? ? 
2 water   nat water                                                        18.015   45 ? ? ? ? 
# 
_entity_name_com.entity_id   1 
_entity_name_com.name        'CAC,L-type calcium channel blocker' 
# 
_entity_poly.entity_id                      1 
_entity_poly.type                           'polypeptide(L)' 
_entity_poly.nstd_linkage                   no 
_entity_poly.nstd_monomer                   no 
_entity_poly.pdbx_seq_one_letter_code       WQPPWYCKEPVRIGSCKKQFSSFYFKWTAKKCLPFLFSGCGGNANRFQTIGECRKKCLGK 
_entity_poly.pdbx_seq_one_letter_code_can   WQPPWYCKEPVRIGSCKKQFSSFYFKWTAKKCLPFLFSGCGGNANRFQTIGECRKKCLGK 
_entity_poly.pdbx_strand_id                 A 
_entity_poly.pdbx_target_identifier         ? 
# 
_pdbx_entity_nonpoly.entity_id   2 
_pdbx_entity_nonpoly.name        water 
_pdbx_entity_nonpoly.comp_id     HOH 
# 
loop_
_entity_poly_seq.entity_id 
_entity_poly_seq.num 
_entity_poly_seq.mon_id 
_entity_poly_seq.hetero 
1 1  TRP n 
1 2  GLN n 
1 3  PRO n 
1 4  PRO n 
1 5  TRP n 
1 6  TYR n 
1 7  CYS n 
1 8  LYS n 
1 9  GLU n 
1 10 PRO n 
1 11 VAL n 
1 12 ARG n 
1 13 ILE n 
1 14 GLY n 
1 15 SER n 
1 16 CYS n 
1 17 LYS n 
1 18 LYS n 
1 19 GLN n 
1 20 PHE n 
1 21 SER n 
1 22 SER n 
1 23 PHE n 
1 24 TYR n 
1 25 PHE n 
1 26 LYS n 
1 27 TRP n 
1 28 THR n 
1 29 ALA n 
1 30 LYS n 
1 31 LYS n 
1 32 CYS n 
1 33 LEU n 
1 34 PRO n 
1 35 PHE n 
1 36 LEU n 
1 37 PHE n 
1 38 SER n 
1 39 GLY n 
1 40 CYS n 
1 41 GLY n 
1 42 GLY n 
1 43 ASN n 
1 44 ALA n 
1 45 ASN n 
1 46 ARG n 
1 47 PHE n 
1 48 GLN n 
1 49 THR n 
1 50 ILE n 
1 51 GLY n 
1 52 GLU n 
1 53 CYS n 
1 54 ARG n 
1 55 LYS n 
1 56 LYS n 
1 57 CYS n 
1 58 LEU n 
1 59 GLY n 
1 60 LYS n 
# 
_pdbx_entity_src_syn.entity_id              1 
_pdbx_entity_src_syn.pdbx_src_id            1 
_pdbx_entity_src_syn.pdbx_alt_source_flag   sample 
_pdbx_entity_src_syn.pdbx_beg_seq_num       1 
_pdbx_entity_src_syn.pdbx_end_seq_num       60 
_pdbx_entity_src_syn.organism_scientific    'Dendroaspis angusticeps' 
_pdbx_entity_src_syn.organism_common_name   'Eastern green mamba' 
_pdbx_entity_src_syn.ncbi_taxonomy_id       8618 
_pdbx_entity_src_syn.details                ? 
# 
loop_
_chem_comp.id 
_chem_comp.type 
_chem_comp.mon_nstd_flag 
_chem_comp.name 
_chem_comp.pdbx_synonyms 
_chem_comp.formula 
_chem_comp.formula_weight 
ALA 'L-peptide linking' y ALANINE         ? 'C3 H7 N O2'     89.093  
ARG 'L-peptide linking' y ARGININE        ? 'C6 H15 N4 O2 1' 175.209 
ASN 'L-peptide linking' y ASPARAGINE      ? 'C4 H8 N2 O3'    132.118 
CYS 'L-peptide linking' y CYSTEINE        ? 'C3 H7 N O2 S'   121.158 
GLN 'L-peptide linking' y GLUTAMINE       ? 'C5 H10 N2 O3'   146.144 
GLU 'L-peptide linking' y 'GLUTAMIC ACID' ? 'C5 H9 N O4'     147.129 
GLY 'peptide linking'   y GLYCINE         ? 'C2 H5 N O2'     75.067  
HOH non-polymer         . WATER           ? 'H2 O'           18.015  
ILE 'L-peptide linking' y ISOLEUCINE      ? 'C6 H13 N O2'    131.173 
LEU 'L-peptide linking' y LEUCINE         ? 'C6 H13 N O2'    131.173 
LYS 'L-peptide linking' y LYSINE          ? 'C6 H15 N2 O2 1' 147.195 
PHE 'L-peptide linking' y PHENYLALANINE   ? 'C9 H11 N O2'    165.189 
PRO 'L-peptide linking' y PROLINE         ? 'C5 H9 N O2'     115.130 
SER 'L-peptide linking' y SERINE          ? 'C3 H7 N O3'     105.093 
THR 'L-peptide linking' y THREONINE       ? 'C4 H9 N O3'     119.119 
TRP 'L-peptide linking' y TRYPTOPHAN      ? 'C11 H12 N2 O2'  204.225 
TYR 'L-peptide linking' y TYROSINE        ? 'C9 H11 N O3'    181.189 
VAL 'L-peptide linking' y VALINE          ? 'C5 H11 N O2'    117.146 
# 
loop_
_pdbx_poly_seq_scheme.asym_id 
_pdbx_poly_seq_scheme.entity_id 
_pdbx_poly_seq_scheme.seq_id 
_pdbx_poly_seq_scheme.mon_id 
_pdbx_poly_seq_scheme.ndb_seq_num 
_pdbx_poly_seq_scheme.pdb_seq_num 
_pdbx_poly_seq_scheme.auth_seq_num 
_pdbx_poly_seq_scheme.pdb_mon_id 
_pdbx_poly_seq_scheme.auth_mon_id 
_pdbx_poly_seq_scheme.pdb_strand_id 
_pdbx_poly_seq_scheme.pdb_ins_code 
_pdbx_poly_seq_scheme.hetero 
A 1 1  TRP 1  1  1  TRP TRP A . n 
A 1 2  GLN 2  2  2  GLN GLN A . n 
A 1 3  PRO 3  3  3  PRO PRO A . n 
A 1 4  PRO 4  4  4  PRO PRO A . n 
A 1 5  TRP 5  5  5  TRP TRP A . n 
A 1 6  TYR 6  6  6  TYR TYR A . n 
A 1 7  CYS 7  7  7  CYS CYS A . n 
A 1 8  LYS 8  8  8  LYS LYS A . n 
A 1 9  GLU 9  9  9  GLU GLU A . n 
A 1 10 PRO 10 10 10 PRO PRO A . n 
A 1 11 VAL 11 11 11 VAL VAL A . n 
A 1 12 ARG 12 12 12 ARG ARG A . n 
A 1 13 ILE 13 13 13 ILE ILE A . n 
A 1 14 GLY 14 14 14 GLY GLY A . n 
A 1 15 SER 15 15 15 SER SER A . n 
A 1 16 CYS 16 16 16 CYS CYS A . n 
A 1 17 LYS 17 17 17 LYS LYS A . n 
A 1 18 LYS 18 18 18 LYS LYS A . n 
A 1 19 GLN 19 19 19 GLN GLN A . n 
A 1 20 PHE 20 20 20 PHE PHE A . n 
A 1 21 SER 21 21 21 SER SER A . n 
A 1 22 SER 22 22 22 SER SER A . n 
A 1 23 PHE 23 23 23 PHE PHE A . n 
A 1 24 TYR 24 24 24 TYR TYR A . n 
A 1 25 PHE 25 25 25 PHE PHE A . n 
A 1 26 LYS 26 26 26 LYS LYS A . n 
A 1 27 TRP 27 27 27 TRP TRP A . n 
A 1 28 THR 28 28 28 THR THR A . n 
A 1 29 ALA 29 29 29 ALA ALA A . n 
A 1 30 LYS 30 30 30 LYS LYS A . n 
A 1 31 LYS 31 31 31 LYS LYS A . n 
A 1 32 CYS 32 32 32 CYS CYS A . n 
A 1 33 LEU 33 33 33 LEU LEU A . n 
A 1 34 PRO 34 34 34 PRO PRO A . n 
A 1 35 PHE 35 35 35 PHE PHE A . n 
A 1 36 LEU 36 36 36 LEU LEU A . n 
A 1 37 PHE 37 37 37 PHE PHE A . n 
A 1 38 SER 38 38 38 SER SER A . n 
A 1 39 GLY 39 39 39 GLY GLY A . n 
A 1 40 CYS 40 40 40 CYS CYS A . n 
A 1 41 GLY 41 41 41 GLY GLY A . n 
A 1 42 GLY 42 42 42 GLY GLY A . n 
A 1 43 ASN 43 43 43 ASN ASN A . n 
A 1 44 ALA 44 44 44 ALA ALA A . n 
A 1 45 ASN 45 45 45 ASN ASN A . n 
A 1 46 ARG 46 46 46 ARG ARG A . n 
A 1 47 PHE 47 47 47 PHE PHE A . n 
A 1 48 GLN 48 48 48 GLN GLN A . n 
A 1 49 THR 49 49 49 THR THR A . n 
A 1 50 ILE 50 50 50 ILE ILE A . n 
A 1 51 GLY 51 51 51 GLY GLY A . n 
A 1 52 GLU 52 52 52 GLU GLU A . n 
A 1 53 CYS 53 53 53 CYS CYS A . n 
A 1 54 ARG 54 54 54 ARG ARG A . n 
A 1 55 LYS 55 55 55 LYS LYS A . n 
A 1 56 LYS 56 56 56 LYS LYS A . n 
A 1 57 CYS 57 57 57 CYS CYS A . n 
A 1 58 LEU 58 58 58 LEU LEU A . n 
A 1 59 GLY 59 59 59 GLY GLY A . n 
A 1 60 LYS 60 60 60 LYS LYS A . n 
# 
loop_
_pdbx_nonpoly_scheme.asym_id 
_pdbx_nonpoly_scheme.entity_id 
_pdbx_nonpoly_scheme.mon_id 
_pdbx_nonpoly_scheme.ndb_seq_num 
_pdbx_nonpoly_scheme.pdb_seq_num 
_pdbx_nonpoly_scheme.auth_seq_num 
_pdbx_nonpoly_scheme.pdb_mon_id 
_pdbx_nonpoly_scheme.auth_mon_id 
_pdbx_nonpoly_scheme.pdb_strand_id 
_pdbx_nonpoly_scheme.pdb_ins_code 
B 2 HOH 1  101 39 HOH HOH A . 
B 2 HOH 2  102 29 HOH HOH A . 
B 2 HOH 3  103 34 HOH HOH A . 
B 2 HOH 4  104 20 HOH HOH A . 
B 2 HOH 5  105 35 HOH HOH A . 
B 2 HOH 6  106 11 HOH HOH A . 
B 2 HOH 7  107 3  HOH HOH A . 
B 2 HOH 8  108 6  HOH HOH A . 
B 2 HOH 9  109 10 HOH HOH A . 
B 2 HOH 10 110 5  HOH HOH A . 
B 2 HOH 11 111 4  HOH HOH A . 
B 2 HOH 12 112 24 HOH HOH A . 
B 2 HOH 13 113 7  HOH HOH A . 
B 2 HOH 14 114 25 HOH HOH A . 
B 2 HOH 15 115 18 HOH HOH A . 
B 2 HOH 16 116 43 HOH HOH A . 
B 2 HOH 17 117 27 HOH HOH A . 
B 2 HOH 18 118 13 HOH HOH A . 
B 2 HOH 19 119 8  HOH HOH A . 
B 2 HOH 20 120 12 HOH HOH A . 
B 2 HOH 21 121 9  HOH HOH A . 
B 2 HOH 22 122 26 HOH HOH A . 
B 2 HOH 23 123 42 HOH HOH A . 
B 2 HOH 24 124 45 HOH HOH A . 
B 2 HOH 25 125 15 HOH HOH A . 
B 2 HOH 26 126 36 HOH HOH A . 
B 2 HOH 27 127 40 HOH HOH A . 
B 2 HOH 28 128 33 HOH HOH A . 
B 2 HOH 29 129 23 HOH HOH A . 
B 2 HOH 30 130 21 HOH HOH A . 
B 2 HOH 31 131 14 HOH HOH A . 
B 2 HOH 32 132 22 HOH HOH A . 
B 2 HOH 33 133 30 HOH HOH A . 
B 2 HOH 34 134 1  HOH HOH A . 
B 2 HOH 35 135 37 HOH HOH A . 
B 2 HOH 36 136 19 HOH HOH A . 
B 2 HOH 37 137 17 HOH HOH A . 
B 2 HOH 38 138 28 HOH HOH A . 
B 2 HOH 39 139 41 HOH HOH A . 
B 2 HOH 40 140 32 HOH HOH A . 
B 2 HOH 41 141 2  HOH HOH A . 
B 2 HOH 42 142 31 HOH HOH A . 
B 2 HOH 43 143 16 HOH HOH A . 
B 2 HOH 44 144 38 HOH HOH A . 
B 2 HOH 45 145 44 HOH HOH A . 
# 
loop_
_software.citation_id 
_software.classification 
_software.compiler_name 
_software.compiler_version 
_software.contact_author 
_software.contact_author_email 
_software.date 
_software.description 
_software.dependencies 
_software.hardware 
_software.language 
_software.location 
_software.mods 
_software.name 
_software.os 
_software.os_version 
_software.type 
_software.version 
_software.pdbx_ordinal 
? refinement        ? ? ? ? ? ? ? ? ? ? ? PHENIX   ? ? ? '(1.12_2829: ???)' 1 
? 'data collection' ? ? ? ? ? ? ? ? ? ? ? HKL-3000 ? ? ? .                  2 
? 'data reduction'  ? ? ? ? ? ? ? ? ? ? ? HKL-3000 ? ? ? .                  3 
? 'model building'  ? ? ? ? ? ? ? ? ? ? ? PHENIX   ? ? ? .                  4 
? phasing           ? ? ? ? ? ? ? ? ? ? ? PHENIX   ? ? ? .                  5 
# 
_cell.entry_id           5YV7 
_cell.length_a           95.991 
_cell.length_b           95.991 
_cell.length_c           39.486 
_cell.angle_alpha        90.00 
_cell.angle_beta         90.00 
_cell.angle_gamma        90.00 
_cell.Z_PDB              16 
_cell.pdbx_unique_axis   ? 
# 
_symmetry.entry_id                         5YV7 
_symmetry.space_group_name_H-M             'I 41/a' 
_symmetry.pdbx_full_space_group_name_H-M   ? 
_symmetry.cell_setting                     ? 
_symmetry.Int_Tables_number                88 
# 
_exptl.absorpt_coefficient_mu     ? 
_exptl.absorpt_correction_T_max   ? 
_exptl.absorpt_correction_T_min   ? 
_exptl.absorpt_correction_type    ? 
_exptl.absorpt_process_details    ? 
_exptl.entry_id                   5YV7 
_exptl.crystals_number            1 
_exptl.details                    ? 
_exptl.method                     'X-RAY DIFFRACTION' 
_exptl.method_details             ? 
# 
_exptl_crystal.colour                      ? 
_exptl_crystal.density_diffrn              ? 
_exptl_crystal.density_Matthews            3.25 
_exptl_crystal.density_method              ? 
_exptl_crystal.density_percent_sol         62.15 
_exptl_crystal.description                 ? 
_exptl_crystal.F_000                       ? 
_exptl_crystal.id                          1 
_exptl_crystal.preparation                 ? 
_exptl_crystal.size_max                    ? 
_exptl_crystal.size_mid                    ? 
_exptl_crystal.size_min                    ? 
_exptl_crystal.size_rad                    ? 
_exptl_crystal.colour_lustre               ? 
_exptl_crystal.colour_modifier             ? 
_exptl_crystal.colour_primary              ? 
_exptl_crystal.density_meas                ? 
_exptl_crystal.density_meas_esd            ? 
_exptl_crystal.density_meas_gt             ? 
_exptl_crystal.density_meas_lt             ? 
_exptl_crystal.density_meas_temp           ? 
_exptl_crystal.density_meas_temp_esd       ? 
_exptl_crystal.density_meas_temp_gt        ? 
_exptl_crystal.density_meas_temp_lt        ? 
_exptl_crystal.pdbx_crystal_image_url      ? 
_exptl_crystal.pdbx_crystal_image_format   ? 
_exptl_crystal.pdbx_mosaicity              ? 
_exptl_crystal.pdbx_mosaicity_esd          ? 
# 
_exptl_crystal_grow.apparatus       ? 
_exptl_crystal_grow.atmosphere      ? 
_exptl_crystal_grow.crystal_id      1 
_exptl_crystal_grow.details         ? 
_exptl_crystal_grow.method          'VAPOR DIFFUSION, SITTING DROP' 
_exptl_crystal_grow.method_ref      ? 
_exptl_crystal_grow.pH              ? 
_exptl_crystal_grow.pressure        ? 
_exptl_crystal_grow.pressure_esd    ? 
_exptl_crystal_grow.seeding         ? 
_exptl_crystal_grow.seeding_ref     ? 
_exptl_crystal_grow.temp            289 
_exptl_crystal_grow.temp_details    ? 
_exptl_crystal_grow.temp_esd        ? 
_exptl_crystal_grow.time            ? 
_exptl_crystal_grow.pdbx_details    'sodium citrate tribasic dihydrate, 20% w/v polyethylene glycol 3350' 
_exptl_crystal_grow.pdbx_pH_range   ? 
# 
_diffrn.ambient_environment    ? 
_diffrn.ambient_temp           100 
_diffrn.ambient_temp_details   ? 
_diffrn.ambient_temp_esd       ? 
_diffrn.crystal_id             1 
_diffrn.crystal_support        ? 
_diffrn.crystal_treatment      ? 
_diffrn.details                ? 
_diffrn.id                     1 
_diffrn.ambient_pressure       ? 
_diffrn.ambient_pressure_esd   ? 
_diffrn.ambient_pressure_gt    ? 
_diffrn.ambient_pressure_lt    ? 
_diffrn.ambient_temp_gt        ? 
_diffrn.ambient_temp_lt        ? 
# 
_diffrn_detector.details                      ? 
_diffrn_detector.detector                     PIXEL 
_diffrn_detector.diffrn_id                    1 
_diffrn_detector.type                         'DECTRIS PILATUS 200K' 
_diffrn_detector.area_resol_mean              ? 
_diffrn_detector.dtime                        ? 
_diffrn_detector.pdbx_frames_total            ? 
_diffrn_detector.pdbx_collection_time_total   ? 
_diffrn_detector.pdbx_collection_date         2017-11-21 
# 
_diffrn_radiation.collimation                      ? 
_diffrn_radiation.diffrn_id                        1 
_diffrn_radiation.filter_edge                      ? 
_diffrn_radiation.inhomogeneity                    ? 
_diffrn_radiation.monochromator                    ? 
_diffrn_radiation.polarisn_norm                    ? 
_diffrn_radiation.polarisn_ratio                   ? 
_diffrn_radiation.probe                            ? 
_diffrn_radiation.type                             ? 
_diffrn_radiation.xray_symbol                      ? 
_diffrn_radiation.wavelength_id                    1 
_diffrn_radiation.pdbx_monochromatic_or_laue_m_l   M 
_diffrn_radiation.pdbx_wavelength_list             ? 
_diffrn_radiation.pdbx_wavelength                  ? 
_diffrn_radiation.pdbx_diffrn_protocol             'SINGLE WAVELENGTH' 
_diffrn_radiation.pdbx_analyzer                    ? 
_diffrn_radiation.pdbx_scattering_type             x-ray 
# 
_diffrn_radiation_wavelength.id           1 
_diffrn_radiation_wavelength.wavelength   1.54 
_diffrn_radiation_wavelength.wt           1.0 
# 
_diffrn_source.current                     ? 
_diffrn_source.details                     ? 
_diffrn_source.diffrn_id                   1 
_diffrn_source.power                       ? 
_diffrn_source.size                        ? 
_diffrn_source.source                      'ROTATING ANODE' 
_diffrn_source.target                      ? 
_diffrn_source.type                        'RIGAKU MICROMAX-007 HF' 
_diffrn_source.voltage                     ? 
_diffrn_source.take-off_angle              ? 
_diffrn_source.pdbx_wavelength_list        1.54 
_diffrn_source.pdbx_wavelength             ? 
_diffrn_source.pdbx_synchrotron_beamline   ? 
_diffrn_source.pdbx_synchrotron_site       ? 
# 
_reflns.B_iso_Wilson_estimate            ? 
_reflns.entry_id                         5YV7 
_reflns.data_reduction_details           ? 
_reflns.data_reduction_method            ? 
_reflns.d_resolution_high                2.394 
_reflns.d_resolution_low                 48 
_reflns.details                          ? 
_reflns.limit_h_max                      ? 
_reflns.limit_h_min                      ? 
_reflns.limit_k_max                      ? 
_reflns.limit_k_min                      ? 
_reflns.limit_l_max                      ? 
_reflns.limit_l_min                      ? 
_reflns.number_all                       ? 
_reflns.number_obs                       6918 
_reflns.observed_criterion               ? 
_reflns.observed_criterion_F_max         ? 
_reflns.observed_criterion_F_min         ? 
_reflns.observed_criterion_I_max         ? 
_reflns.observed_criterion_I_min         ? 
_reflns.observed_criterion_sigma_F       ? 
_reflns.observed_criterion_sigma_I       ? 
_reflns.percent_possible_obs             99.3 
_reflns.R_free_details                   ? 
_reflns.Rmerge_F_all                     ? 
_reflns.Rmerge_F_obs                     ? 
_reflns.Friedel_coverage                 ? 
_reflns.number_gt                        ? 
_reflns.threshold_expression             ? 
_reflns.pdbx_redundancy                  4.9 
_reflns.pdbx_Rmerge_I_obs                ? 
_reflns.pdbx_Rmerge_I_all                ? 
_reflns.pdbx_Rsym_value                  ? 
_reflns.pdbx_netI_over_av_sigmaI         ? 
_reflns.pdbx_netI_over_sigmaI            10.5 
_reflns.pdbx_res_netI_over_av_sigmaI_2   ? 
_reflns.pdbx_res_netI_over_sigmaI_2      ? 
_reflns.pdbx_chi_squared                 ? 
_reflns.pdbx_scaling_rejects             ? 
_reflns.pdbx_d_res_high_opt              ? 
_reflns.pdbx_d_res_low_opt               ? 
_reflns.pdbx_d_res_opt_method            ? 
_reflns.phase_calculation_details        ? 
_reflns.pdbx_Rrim_I_all                  ? 
_reflns.pdbx_Rpim_I_all                  ? 
_reflns.pdbx_d_opt                       ? 
_reflns.pdbx_number_measured_all         ? 
_reflns.pdbx_diffrn_id                   1 
_reflns.pdbx_ordinal                     1 
_reflns.pdbx_CC_half                     ? 
_reflns.pdbx_R_split                     ? 
# 
_reflns_shell.d_res_high                  2.45 
_reflns_shell.d_res_low                   2.49 
_reflns_shell.meanI_over_sigI_all         ? 
_reflns_shell.meanI_over_sigI_obs         ? 
_reflns_shell.number_measured_all         ? 
_reflns_shell.number_measured_obs         ? 
_reflns_shell.number_possible             ? 
_reflns_shell.number_unique_all           ? 
_reflns_shell.number_unique_obs           ? 
_reflns_shell.percent_possible_all        ? 
_reflns_shell.percent_possible_obs        ? 
_reflns_shell.Rmerge_F_all                ? 
_reflns_shell.Rmerge_F_obs                ? 
_reflns_shell.Rmerge_I_all                ? 
_reflns_shell.Rmerge_I_obs                ? 
_reflns_shell.meanI_over_sigI_gt          ? 
_reflns_shell.meanI_over_uI_all           ? 
_reflns_shell.meanI_over_uI_gt            ? 
_reflns_shell.number_measured_gt          ? 
_reflns_shell.number_unique_gt            ? 
_reflns_shell.percent_possible_gt         ? 
_reflns_shell.Rmerge_F_gt                 ? 
_reflns_shell.Rmerge_I_gt                 ? 
_reflns_shell.pdbx_redundancy             ? 
_reflns_shell.pdbx_Rsym_value             ? 
_reflns_shell.pdbx_chi_squared            ? 
_reflns_shell.pdbx_netI_over_sigmaI_all   ? 
_reflns_shell.pdbx_netI_over_sigmaI_obs   ? 
_reflns_shell.pdbx_Rrim_I_all             ? 
_reflns_shell.pdbx_Rpim_I_all             ? 
_reflns_shell.pdbx_rejects                ? 
_reflns_shell.pdbx_ordinal                1 
_reflns_shell.pdbx_diffrn_id              1 
_reflns_shell.pdbx_CC_half                ? 
_reflns_shell.pdbx_R_split                ? 
# 
_refine.pdbx_refine_id                           'X-RAY DIFFRACTION' 
_refine.entry_id                                 5YV7 
_refine.pdbx_diffrn_id                           1 
_refine.pdbx_TLS_residual_ADP_flag               ? 
_refine.ls_number_reflns_obs                     6833 
_refine.ls_number_reflns_all                     ? 
_refine.pdbx_ls_sigma_I                          ? 
_refine.pdbx_ls_sigma_F                          1.33 
_refine.pdbx_data_cutoff_high_absF               ? 
_refine.pdbx_data_cutoff_low_absF                ? 
_refine.pdbx_data_cutoff_high_rms_absF           ? 
_refine.ls_d_res_low                             47.995 
_refine.ls_d_res_high                            2.395 
_refine.ls_percent_reflns_obs                    98.34 
_refine.ls_R_factor_obs                          0.2898 
_refine.ls_R_factor_all                          ? 
_refine.ls_R_factor_R_work                       0.2891 
_refine.ls_R_factor_R_free                       0.3023 
_refine.ls_R_factor_R_free_error                 ? 
_refine.ls_R_factor_R_free_error_details         ? 
_refine.ls_percent_reflns_R_free                 4.92 
_refine.ls_number_reflns_R_free                  336 
_refine.ls_number_parameters                     ? 
_refine.ls_number_restraints                     ? 
_refine.occupancy_min                            ? 
_refine.occupancy_max                            ? 
_refine.correlation_coeff_Fo_to_Fc               ? 
_refine.correlation_coeff_Fo_to_Fc_free          ? 
_refine.B_iso_mean                               ? 
_refine.aniso_B[1][1]                            ? 
_refine.aniso_B[2][2]                            ? 
_refine.aniso_B[3][3]                            ? 
_refine.aniso_B[1][2]                            ? 
_refine.aniso_B[1][3]                            ? 
_refine.aniso_B[2][3]                            ? 
_refine.solvent_model_details                    'FLAT BULK SOLVENT MODEL' 
_refine.solvent_model_param_ksol                 ? 
_refine.solvent_model_param_bsol                 ? 
_refine.pdbx_solvent_vdw_probe_radii             1.11 
_refine.pdbx_solvent_ion_probe_radii             ? 
_refine.pdbx_solvent_shrinkage_radii             0.90 
_refine.pdbx_ls_cross_valid_method               'FREE R-VALUE' 
_refine.details                                  ? 
_refine.pdbx_starting_model                      1BF0 
_refine.pdbx_method_to_determine_struct          'MOLECULAR REPLACEMENT' 
_refine.pdbx_isotropic_thermal_model             ? 
_refine.pdbx_stereochemistry_target_values       ML 
_refine.pdbx_stereochem_target_val_spec_case     ? 
_refine.pdbx_R_Free_selection_details            ? 
_refine.pdbx_overall_ESU_R                       ? 
_refine.pdbx_overall_ESU_R_Free                  ? 
_refine.overall_SU_ML                            0.32 
_refine.pdbx_overall_phase_error                 30.11 
_refine.overall_SU_B                             ? 
_refine.overall_SU_R_Cruickshank_DPI             ? 
_refine.pdbx_overall_SU_R_free_Cruickshank_DPI   ? 
_refine.pdbx_overall_SU_R_Blow_DPI               ? 
_refine.pdbx_overall_SU_R_free_Blow_DPI          ? 
# 
_refine_hist.pdbx_refine_id                   'X-RAY DIFFRACTION' 
_refine_hist.cycle_id                         LAST 
_refine_hist.pdbx_number_atoms_protein        491 
_refine_hist.pdbx_number_atoms_nucleic_acid   0 
_refine_hist.pdbx_number_atoms_ligand         0 
_refine_hist.number_atoms_solvent             45 
_refine_hist.number_atoms_total               536 
_refine_hist.d_res_high                       2.395 
_refine_hist.d_res_low                        47.995 
# 
loop_
_refine_ls_restr.type 
_refine_ls_restr.dev_ideal 
_refine_ls_restr.dev_ideal_target 
_refine_ls_restr.weight 
_refine_ls_restr.number 
_refine_ls_restr.pdbx_refine_id 
_refine_ls_restr.pdbx_restraint_function 
f_bond_d           0.007 ? ? 511 'X-RAY DIFFRACTION' ? 
f_angle_d          0.757 ? ? 686 'X-RAY DIFFRACTION' ? 
f_dihedral_angle_d 3.706 ? ? 297 'X-RAY DIFFRACTION' ? 
f_chiral_restr     0.039 ? ? 62  'X-RAY DIFFRACTION' ? 
f_plane_restr      0.004 ? ? 85  'X-RAY DIFFRACTION' ? 
# 
loop_
_refine_ls_shell.pdbx_refine_id 
_refine_ls_shell.pdbx_total_number_of_bins_used 
_refine_ls_shell.d_res_high 
_refine_ls_shell.d_res_low 
_refine_ls_shell.number_reflns_R_work 
_refine_ls_shell.R_factor_R_work 
_refine_ls_shell.percent_reflns_obs 
_refine_ls_shell.R_factor_R_free 
_refine_ls_shell.R_factor_R_free_error 
_refine_ls_shell.percent_reflns_R_free 
_refine_ls_shell.number_reflns_R_free 
_refine_ls_shell.number_reflns_all 
_refine_ls_shell.R_factor_all 
_refine_ls_shell.R_factor_obs 
_refine_ls_shell.number_reflns_obs 
'X-RAY DIFFRACTION' . 2.3946 3.0169  3285 0.3533 99.00 0.4607 . . 164 . . . . 
'X-RAY DIFFRACTION' . 3.0169 48.0051 3212 0.2683 98.00 0.2627 . . 172 . . . . 
# 
_struct.entry_id                     5YV7 
_struct.title                        'Racemic X-ray Structure of Calcicludine' 
_struct.pdbx_model_details           ? 
_struct.pdbx_formula_weight          ? 
_struct.pdbx_formula_weight_method   ? 
_struct.pdbx_model_type_details      ? 
_struct.pdbx_CASP_flag               N 
# 
_struct_keywords.entry_id        5YV7 
_struct_keywords.text            'calcicludine, racemic crystal, L-type Ca2+ channels, TOXIN' 
_struct_keywords.pdbx_keywords   TOXIN 
# 
loop_
_struct_asym.id 
_struct_asym.pdbx_blank_PDB_chainid_flag 
_struct_asym.pdbx_modified 
_struct_asym.entity_id 
_struct_asym.details 
A N N 1 ? 
B N N 2 ? 
# 
_struct_ref.id                         1 
_struct_ref.db_name                    UNP 
_struct_ref.db_code                    VKTHC_DENAN 
_struct_ref.pdbx_db_accession          P81658 
_struct_ref.pdbx_db_isoform            ? 
_struct_ref.entity_id                  1 
_struct_ref.pdbx_seq_one_letter_code   WQPPWYCKEPVRIGSCKKQFSSFYFKWTAKKCLPFLFSGCGGNANRFQTIGECRKKCLGK 
_struct_ref.pdbx_align_begin           1 
# 
_struct_ref_seq.align_id                      1 
_struct_ref_seq.ref_id                        1 
_struct_ref_seq.pdbx_PDB_id_code              5YV7 
_struct_ref_seq.pdbx_strand_id                A 
_struct_ref_seq.seq_align_beg                 1 
_struct_ref_seq.pdbx_seq_align_beg_ins_code   ? 
_struct_ref_seq.seq_align_end                 60 
_struct_ref_seq.pdbx_seq_align_end_ins_code   ? 
_struct_ref_seq.pdbx_db_accession             P81658 
_struct_ref_seq.db_align_beg                  1 
_struct_ref_seq.pdbx_db_align_beg_ins_code    ? 
_struct_ref_seq.db_align_end                  60 
_struct_ref_seq.pdbx_db_align_end_ins_code    ? 
_struct_ref_seq.pdbx_auth_seq_align_beg       1 
_struct_ref_seq.pdbx_auth_seq_align_end       60 
# 
_pdbx_struct_assembly.id                   1 
_pdbx_struct_assembly.details              author_and_software_defined_assembly 
_pdbx_struct_assembly.method_details       PISA 
_pdbx_struct_assembly.oligomeric_details   monomeric 
_pdbx_struct_assembly.oligomeric_count     1 
# 
loop_
_pdbx_struct_assembly_prop.biol_id 
_pdbx_struct_assembly_prop.type 
_pdbx_struct_assembly_prop.value 
_pdbx_struct_assembly_prop.details 
1 'ABSA (A^2)' 0    ? 
1 MORE         0    ? 
1 'SSA (A^2)'  4270 ? 
# 
_pdbx_struct_assembly_gen.assembly_id       1 
_pdbx_struct_assembly_gen.oper_expression   1 
_pdbx_struct_assembly_gen.asym_id_list      A,B 
# 
_pdbx_struct_assembly_auth_evidence.id                     1 
_pdbx_struct_assembly_auth_evidence.assembly_id            1 
_pdbx_struct_assembly_auth_evidence.experimental_support   none 
_pdbx_struct_assembly_auth_evidence.details                ? 
# 
_pdbx_struct_oper_list.id                   1 
_pdbx_struct_oper_list.type                 'identity operation' 
_pdbx_struct_oper_list.name                 1_555 
_pdbx_struct_oper_list.symmetry_operation   x,y,z 
_pdbx_struct_oper_list.matrix[1][1]         1.0000000000 
_pdbx_struct_oper_list.matrix[1][2]         0.0000000000 
_pdbx_struct_oper_list.matrix[1][3]         0.0000000000 
_pdbx_struct_oper_list.vector[1]            0.0000000000 
_pdbx_struct_oper_list.matrix[2][1]         0.0000000000 
_pdbx_struct_oper_list.matrix[2][2]         1.0000000000 
_pdbx_struct_oper_list.matrix[2][3]         0.0000000000 
_pdbx_struct_oper_list.vector[2]            0.0000000000 
_pdbx_struct_oper_list.matrix[3][1]         0.0000000000 
_pdbx_struct_oper_list.matrix[3][2]         0.0000000000 
_pdbx_struct_oper_list.matrix[3][3]         1.0000000000 
_pdbx_struct_oper_list.vector[3]            0.0000000000 
# 
loop_
_struct_conf.conf_type_id 
_struct_conf.id 
_struct_conf.pdbx_PDB_helix_id 
_struct_conf.beg_label_comp_id 
_struct_conf.beg_label_asym_id 
_struct_conf.beg_label_seq_id 
_struct_conf.pdbx_beg_PDB_ins_code 
_struct_conf.end_label_comp_id 
_struct_conf.end_label_asym_id 
_struct_conf.end_label_seq_id 
_struct_conf.pdbx_end_PDB_ins_code 
_struct_conf.beg_auth_comp_id 
_struct_conf.beg_auth_asym_id 
_struct_conf.beg_auth_seq_id 
_struct_conf.end_auth_comp_id 
_struct_conf.end_auth_asym_id 
_struct_conf.end_auth_seq_id 
_struct_conf.pdbx_PDB_helix_class 
_struct_conf.details 
_struct_conf.pdbx_PDB_helix_length 
HELX_P HELX_P1 AA1 PRO A 4  ? GLU A 9  ? PRO A 4  GLU A 9  5 ? 6  
HELX_P HELX_P2 AA2 THR A 49 ? GLY A 59 ? THR A 49 GLY A 59 1 ? 11 
# 
_struct_conf_type.id          HELX_P 
_struct_conf_type.criteria    ? 
_struct_conf_type.reference   ? 
# 
loop_
_struct_conn.id 
_struct_conn.conn_type_id 
_struct_conn.pdbx_leaving_atom_flag 
_struct_conn.pdbx_PDB_id 
_struct_conn.ptnr1_label_asym_id 
_struct_conn.ptnr1_label_comp_id 
_struct_conn.ptnr1_label_seq_id 
_struct_conn.ptnr1_label_atom_id 
_struct_conn.pdbx_ptnr1_label_alt_id 
_struct_conn.pdbx_ptnr1_PDB_ins_code 
_struct_conn.pdbx_ptnr1_standard_comp_id 
_struct_conn.ptnr1_symmetry 
_struct_conn.ptnr2_label_asym_id 
_struct_conn.ptnr2_label_comp_id 
_struct_conn.ptnr2_label_seq_id 
_struct_conn.ptnr2_label_atom_id 
_struct_conn.pdbx_ptnr2_label_alt_id 
_struct_conn.pdbx_ptnr2_PDB_ins_code 
_struct_conn.ptnr1_auth_asym_id 
_struct_conn.ptnr1_auth_comp_id 
_struct_conn.ptnr1_auth_seq_id 
_struct_conn.ptnr2_auth_asym_id 
_struct_conn.ptnr2_auth_comp_id 
_struct_conn.ptnr2_auth_seq_id 
_struct_conn.ptnr2_symmetry 
_struct_conn.pdbx_ptnr3_label_atom_id 
_struct_conn.pdbx_ptnr3_label_seq_id 
_struct_conn.pdbx_ptnr3_label_comp_id 
_struct_conn.pdbx_ptnr3_label_asym_id 
_struct_conn.pdbx_ptnr3_label_alt_id 
_struct_conn.pdbx_ptnr3_PDB_ins_code 
_struct_conn.details 
_struct_conn.pdbx_dist_value 
_struct_conn.pdbx_value_order 
_struct_conn.pdbx_role 
disulf1 disulf ? ? A CYS 7  SG ? ? ? 1_555 A CYS 57 SG ? ? A CYS 7  A CYS 57 1_555 ? ? ? ? ? ? ? 2.026 ? ? 
disulf2 disulf ? ? A CYS 16 SG ? ? ? 1_555 A CYS 40 SG ? ? A CYS 16 A CYS 40 1_555 ? ? ? ? ? ? ? 2.029 ? ? 
disulf3 disulf ? ? A CYS 32 SG ? ? ? 1_555 A CYS 53 SG ? ? A CYS 32 A CYS 53 1_555 ? ? ? ? ? ? ? 2.042 ? ? 
# 
_struct_conn_type.id          disulf 
_struct_conn_type.criteria    ? 
_struct_conn_type.reference   ? 
# 
loop_
_pdbx_modification_feature.ordinal 
_pdbx_modification_feature.label_comp_id 
_pdbx_modification_feature.label_asym_id 
_pdbx_modification_feature.label_seq_id 
_pdbx_modification_feature.label_alt_id 
_pdbx_modification_feature.modified_residue_label_comp_id 
_pdbx_modification_feature.modified_residue_label_asym_id 
_pdbx_modification_feature.modified_residue_label_seq_id 
_pdbx_modification_feature.modified_residue_label_alt_id 
_pdbx_modification_feature.auth_comp_id 
_pdbx_modification_feature.auth_asym_id 
_pdbx_modification_feature.auth_seq_id 
_pdbx_modification_feature.PDB_ins_code 
_pdbx_modification_feature.symmetry 
_pdbx_modification_feature.modified_residue_auth_comp_id 
_pdbx_modification_feature.modified_residue_auth_asym_id 
_pdbx_modification_feature.modified_residue_auth_seq_id 
_pdbx_modification_feature.modified_residue_PDB_ins_code 
_pdbx_modification_feature.modified_residue_symmetry 
_pdbx_modification_feature.comp_id_linking_atom 
_pdbx_modification_feature.modified_residue_id_linking_atom 
_pdbx_modification_feature.modified_residue_id 
_pdbx_modification_feature.ref_pcm_id 
_pdbx_modification_feature.ref_comp_id 
_pdbx_modification_feature.type 
_pdbx_modification_feature.category 
1 CYS A 7  ? CYS A 57 ? CYS A 7  ? 1_555 CYS A 57 ? 1_555 SG SG . . . None 'Disulfide bridge' 
2 CYS A 16 ? CYS A 40 ? CYS A 16 ? 1_555 CYS A 40 ? 1_555 SG SG . . . None 'Disulfide bridge' 
3 CYS A 32 ? CYS A 53 ? CYS A 32 ? 1_555 CYS A 53 ? 1_555 SG SG . . . None 'Disulfide bridge' 
# 
_struct_sheet.id               AA1 
_struct_sheet.type             ? 
_struct_sheet.number_strands   2 
_struct_sheet.details          ? 
# 
_struct_sheet_order.sheet_id     AA1 
_struct_sheet_order.range_id_1   1 
_struct_sheet_order.range_id_2   2 
_struct_sheet_order.offset       ? 
_struct_sheet_order.sense        anti-parallel 
# 
loop_
_struct_sheet_range.sheet_id 
_struct_sheet_range.id 
_struct_sheet_range.beg_label_comp_id 
_struct_sheet_range.beg_label_asym_id 
_struct_sheet_range.beg_label_seq_id 
_struct_sheet_range.pdbx_beg_PDB_ins_code 
_struct_sheet_range.end_label_comp_id 
_struct_sheet_range.end_label_asym_id 
_struct_sheet_range.end_label_seq_id 
_struct_sheet_range.pdbx_end_PDB_ins_code 
_struct_sheet_range.beg_auth_comp_id 
_struct_sheet_range.beg_auth_asym_id 
_struct_sheet_range.beg_auth_seq_id 
_struct_sheet_range.end_auth_comp_id 
_struct_sheet_range.end_auth_asym_id 
_struct_sheet_range.end_auth_seq_id 
AA1 1 PHE A 20 ? LYS A 26 ? PHE A 20 LYS A 26 
AA1 2 LYS A 31 ? PHE A 37 ? LYS A 31 PHE A 37 
# 
_pdbx_struct_sheet_hbond.sheet_id                AA1 
_pdbx_struct_sheet_hbond.range_id_1              1 
_pdbx_struct_sheet_hbond.range_id_2              2 
_pdbx_struct_sheet_hbond.range_1_label_atom_id   N 
_pdbx_struct_sheet_hbond.range_1_label_comp_id   TYR 
_pdbx_struct_sheet_hbond.range_1_label_asym_id   A 
_pdbx_struct_sheet_hbond.range_1_label_seq_id    24 
_pdbx_struct_sheet_hbond.range_1_PDB_ins_code    ? 
_pdbx_struct_sheet_hbond.range_1_auth_atom_id    N 
_pdbx_struct_sheet_hbond.range_1_auth_comp_id    TYR 
_pdbx_struct_sheet_hbond.range_1_auth_asym_id    A 
_pdbx_struct_sheet_hbond.range_1_auth_seq_id     24 
_pdbx_struct_sheet_hbond.range_2_label_atom_id   O 
_pdbx_struct_sheet_hbond.range_2_label_comp_id   LEU 
_pdbx_struct_sheet_hbond.range_2_label_asym_id   A 
_pdbx_struct_sheet_hbond.range_2_label_seq_id    33 
_pdbx_struct_sheet_hbond.range_2_PDB_ins_code    ? 
_pdbx_struct_sheet_hbond.range_2_auth_atom_id    O 
_pdbx_struct_sheet_hbond.range_2_auth_comp_id    LEU 
_pdbx_struct_sheet_hbond.range_2_auth_asym_id    A 
_pdbx_struct_sheet_hbond.range_2_auth_seq_id     33 
# 
_pdbx_entry_details.entry_id                   5YV7 
_pdbx_entry_details.compound_details           ? 
_pdbx_entry_details.source_details             ? 
_pdbx_entry_details.nonpolymer_details         ? 
_pdbx_entry_details.sequence_details           ? 
_pdbx_entry_details.has_ligand_of_interest     ? 
_pdbx_entry_details.has_protein_modification   Y 
# 
_pdbx_validate_close_contact.id               1 
_pdbx_validate_close_contact.PDB_model_num    1 
_pdbx_validate_close_contact.auth_atom_id_1   OE2 
_pdbx_validate_close_contact.auth_asym_id_1   A 
_pdbx_validate_close_contact.auth_comp_id_1   GLU 
_pdbx_validate_close_contact.auth_seq_id_1    9 
_pdbx_validate_close_contact.PDB_ins_code_1   ? 
_pdbx_validate_close_contact.label_alt_id_1   ? 
_pdbx_validate_close_contact.auth_atom_id_2   O 
_pdbx_validate_close_contact.auth_asym_id_2   A 
_pdbx_validate_close_contact.auth_comp_id_2   HOH 
_pdbx_validate_close_contact.auth_seq_id_2    101 
_pdbx_validate_close_contact.PDB_ins_code_2   ? 
_pdbx_validate_close_contact.label_alt_id_2   ? 
_pdbx_validate_close_contact.dist             2.15 
# 
_pdbx_validate_torsion.id              1 
_pdbx_validate_torsion.PDB_model_num   1 
_pdbx_validate_torsion.auth_comp_id    LYS 
_pdbx_validate_torsion.auth_asym_id    A 
_pdbx_validate_torsion.auth_seq_id     18 
_pdbx_validate_torsion.PDB_ins_code    ? 
_pdbx_validate_torsion.label_alt_id    ? 
_pdbx_validate_torsion.phi             -117.35 
_pdbx_validate_torsion.psi             -165.05 
# 
_pdbx_distant_solvent_atoms.id                                1 
_pdbx_distant_solvent_atoms.PDB_model_num                     1 
_pdbx_distant_solvent_atoms.auth_atom_id                      O 
_pdbx_distant_solvent_atoms.label_alt_id                      ? 
_pdbx_distant_solvent_atoms.auth_asym_id                      A 
_pdbx_distant_solvent_atoms.auth_comp_id                      HOH 
_pdbx_distant_solvent_atoms.auth_seq_id                       145 
_pdbx_distant_solvent_atoms.PDB_ins_code                      ? 
_pdbx_distant_solvent_atoms.neighbor_macromolecule_distance   5.82 
_pdbx_distant_solvent_atoms.neighbor_ligand_distance          . 
# 
loop_
_chem_comp_atom.comp_id 
_chem_comp_atom.atom_id 
_chem_comp_atom.type_symbol 
_chem_comp_atom.pdbx_aromatic_flag 
_chem_comp_atom.pdbx_stereo_config 
_chem_comp_atom.pdbx_ordinal 
ALA N    N N N 1   
ALA CA   C N S 2   
ALA C    C N N 3   
ALA O    O N N 4   
ALA CB   C N N 5   
ALA OXT  O N N 6   
ALA H    H N N 7   
ALA H2   H N N 8   
ALA HA   H N N 9   
ALA HB1  H N N 10  
ALA HB2  H N N 11  
ALA HB3  H N N 12  
ALA HXT  H N N 13  
ARG N    N N N 14  
ARG CA   C N S 15  
ARG C    C N N 16  
ARG O    O N N 17  
ARG CB   C N N 18  
ARG CG   C N N 19  
ARG CD   C N N 20  
ARG NE   N N N 21  
ARG CZ   C N N 22  
ARG NH1  N N N 23  
ARG NH2  N N N 24  
ARG OXT  O N N 25  
ARG H    H N N 26  
ARG H2   H N N 27  
ARG HA   H N N 28  
ARG HB2  H N N 29  
ARG HB3  H N N 30  
ARG HG2  H N N 31  
ARG HG3  H N N 32  
ARG HD2  H N N 33  
ARG HD3  H N N 34  
ARG HE   H N N 35  
ARG HH11 H N N 36  
ARG HH12 H N N 37  
ARG HH21 H N N 38  
ARG HH22 H N N 39  
ARG HXT  H N N 40  
ASN N    N N N 41  
ASN CA   C N S 42  
ASN C    C N N 43  
ASN O    O N N 44  
ASN CB   C N N 45  
ASN CG   C N N 46  
ASN OD1  O N N 47  
ASN ND2  N N N 48  
ASN OXT  O N N 49  
ASN H    H N N 50  
ASN H2   H N N 51  
ASN HA   H N N 52  
ASN HB2  H N N 53  
ASN HB3  H N N 54  
ASN HD21 H N N 55  
ASN HD22 H N N 56  
ASN HXT  H N N 57  
CYS N    N N N 58  
CYS CA   C N R 59  
CYS C    C N N 60  
CYS O    O N N 61  
CYS CB   C N N 62  
CYS SG   S N N 63  
CYS OXT  O N N 64  
CYS H    H N N 65  
CYS H2   H N N 66  
CYS HA   H N N 67  
CYS HB2  H N N 68  
CYS HB3  H N N 69  
CYS HG   H N N 70  
CYS HXT  H N N 71  
GLN N    N N N 72  
GLN CA   C N S 73  
GLN C    C N N 74  
GLN O    O N N 75  
GLN CB   C N N 76  
GLN CG   C N N 77  
GLN CD   C N N 78  
GLN OE1  O N N 79  
GLN NE2  N N N 80  
GLN OXT  O N N 81  
GLN H    H N N 82  
GLN H2   H N N 83  
GLN HA   H N N 84  
GLN HB2  H N N 85  
GLN HB3  H N N 86  
GLN HG2  H N N 87  
GLN HG3  H N N 88  
GLN HE21 H N N 89  
GLN HE22 H N N 90  
GLN HXT  H N N 91  
GLU N    N N N 92  
GLU CA   C N S 93  
GLU C    C N N 94  
GLU O    O N N 95  
GLU CB   C N N 96  
GLU CG   C N N 97  
GLU CD   C N N 98  
GLU OE1  O N N 99  
GLU OE2  O N N 100 
GLU OXT  O N N 101 
GLU H    H N N 102 
GLU H2   H N N 103 
GLU HA   H N N 104 
GLU HB2  H N N 105 
GLU HB3  H N N 106 
GLU HG2  H N N 107 
GLU HG3  H N N 108 
GLU HE2  H N N 109 
GLU HXT  H N N 110 
GLY N    N N N 111 
GLY CA   C N N 112 
GLY C    C N N 113 
GLY O    O N N 114 
GLY OXT  O N N 115 
GLY H    H N N 116 
GLY H2   H N N 117 
GLY HA2  H N N 118 
GLY HA3  H N N 119 
GLY HXT  H N N 120 
HOH O    O N N 121 
HOH H1   H N N 122 
HOH H2   H N N 123 
ILE N    N N N 124 
ILE CA   C N S 125 
ILE C    C N N 126 
ILE O    O N N 127 
ILE CB   C N S 128 
ILE CG1  C N N 129 
ILE CG2  C N N 130 
ILE CD1  C N N 131 
ILE OXT  O N N 132 
ILE H    H N N 133 
ILE H2   H N N 134 
ILE HA   H N N 135 
ILE HB   H N N 136 
ILE HG12 H N N 137 
ILE HG13 H N N 138 
ILE HG21 H N N 139 
ILE HG22 H N N 140 
ILE HG23 H N N 141 
ILE HD11 H N N 142 
ILE HD12 H N N 143 
ILE HD13 H N N 144 
ILE HXT  H N N 145 
LEU N    N N N 146 
LEU CA   C N S 147 
LEU C    C N N 148 
LEU O    O N N 149 
LEU CB   C N N 150 
LEU CG   C N N 151 
LEU CD1  C N N 152 
LEU CD2  C N N 153 
LEU OXT  O N N 154 
LEU H    H N N 155 
LEU H2   H N N 156 
LEU HA   H N N 157 
LEU HB2  H N N 158 
LEU HB3  H N N 159 
LEU HG   H N N 160 
LEU HD11 H N N 161 
LEU HD12 H N N 162 
LEU HD13 H N N 163 
LEU HD21 H N N 164 
LEU HD22 H N N 165 
LEU HD23 H N N 166 
LEU HXT  H N N 167 
LYS N    N N N 168 
LYS CA   C N S 169 
LYS C    C N N 170 
LYS O    O N N 171 
LYS CB   C N N 172 
LYS CG   C N N 173 
LYS CD   C N N 174 
LYS CE   C N N 175 
LYS NZ   N N N 176 
LYS OXT  O N N 177 
LYS H    H N N 178 
LYS H2   H N N 179 
LYS HA   H N N 180 
LYS HB2  H N N 181 
LYS HB3  H N N 182 
LYS HG2  H N N 183 
LYS HG3  H N N 184 
LYS HD2  H N N 185 
LYS HD3  H N N 186 
LYS HE2  H N N 187 
LYS HE3  H N N 188 
LYS HZ1  H N N 189 
LYS HZ2  H N N 190 
LYS HZ3  H N N 191 
LYS HXT  H N N 192 
PHE N    N N N 193 
PHE CA   C N S 194 
PHE C    C N N 195 
PHE O    O N N 196 
PHE CB   C N N 197 
PHE CG   C Y N 198 
PHE CD1  C Y N 199 
PHE CD2  C Y N 200 
PHE CE1  C Y N 201 
PHE CE2  C Y N 202 
PHE CZ   C Y N 203 
PHE OXT  O N N 204 
PHE H    H N N 205 
PHE H2   H N N 206 
PHE HA   H N N 207 
PHE HB2  H N N 208 
PHE HB3  H N N 209 
PHE HD1  H N N 210 
PHE HD2  H N N 211 
PHE HE1  H N N 212 
PHE HE2  H N N 213 
PHE HZ   H N N 214 
PHE HXT  H N N 215 
PRO N    N N N 216 
PRO CA   C N S 217 
PRO C    C N N 218 
PRO O    O N N 219 
PRO CB   C N N 220 
PRO CG   C N N 221 
PRO CD   C N N 222 
PRO OXT  O N N 223 
PRO H    H N N 224 
PRO HA   H N N 225 
PRO HB2  H N N 226 
PRO HB3  H N N 227 
PRO HG2  H N N 228 
PRO HG3  H N N 229 
PRO HD2  H N N 230 
PRO HD3  H N N 231 
PRO HXT  H N N 232 
SER N    N N N 233 
SER CA   C N S 234 
SER C    C N N 235 
SER O    O N N 236 
SER CB   C N N 237 
SER OG   O N N 238 
SER OXT  O N N 239 
SER H    H N N 240 
SER H2   H N N 241 
SER HA   H N N 242 
SER HB2  H N N 243 
SER HB3  H N N 244 
SER HG   H N N 245 
SER HXT  H N N 246 
THR N    N N N 247 
THR CA   C N S 248 
THR C    C N N 249 
THR O    O N N 250 
THR CB   C N R 251 
THR OG1  O N N 252 
THR CG2  C N N 253 
THR OXT  O N N 254 
THR H    H N N 255 
THR H2   H N N 256 
THR HA   H N N 257 
THR HB   H N N 258 
THR HG1  H N N 259 
THR HG21 H N N 260 
THR HG22 H N N 261 
THR HG23 H N N 262 
THR HXT  H N N 263 
TRP N    N N N 264 
TRP CA   C N S 265 
TRP C    C N N 266 
TRP O    O N N 267 
TRP CB   C N N 268 
TRP CG   C Y N 269 
TRP CD1  C Y N 270 
TRP CD2  C Y N 271 
TRP NE1  N Y N 272 
TRP CE2  C Y N 273 
TRP CE3  C Y N 274 
TRP CZ2  C Y N 275 
TRP CZ3  C Y N 276 
TRP CH2  C Y N 277 
TRP OXT  O N N 278 
TRP H    H N N 279 
TRP H2   H N N 280 
TRP HA   H N N 281 
TRP HB2  H N N 282 
TRP HB3  H N N 283 
TRP HD1  H N N 284 
TRP HE1  H N N 285 
TRP HE3  H N N 286 
TRP HZ2  H N N 287 
TRP HZ3  H N N 288 
TRP HH2  H N N 289 
TRP HXT  H N N 290 
TYR N    N N N 291 
TYR CA   C N S 292 
TYR C    C N N 293 
TYR O    O N N 294 
TYR CB   C N N 295 
TYR CG   C Y N 296 
TYR CD1  C Y N 297 
TYR CD2  C Y N 298 
TYR CE1  C Y N 299 
TYR CE2  C Y N 300 
TYR CZ   C Y N 301 
TYR OH   O N N 302 
TYR OXT  O N N 303 
TYR H    H N N 304 
TYR H2   H N N 305 
TYR HA   H N N 306 
TYR HB2  H N N 307 
TYR HB3  H N N 308 
TYR HD1  H N N 309 
TYR HD2  H N N 310 
TYR HE1  H N N 311 
TYR HE2  H N N 312 
TYR HH   H N N 313 
TYR HXT  H N N 314 
VAL N    N N N 315 
VAL CA   C N S 316 
VAL C    C N N 317 
VAL O    O N N 318 
VAL CB   C N N 319 
VAL CG1  C N N 320 
VAL CG2  C N N 321 
VAL OXT  O N N 322 
VAL H    H N N 323 
VAL H2   H N N 324 
VAL HA   H N N 325 
VAL HB   H N N 326 
VAL HG11 H N N 327 
VAL HG12 H N N 328 
VAL HG13 H N N 329 
VAL HG21 H N N 330 
VAL HG22 H N N 331 
VAL HG23 H N N 332 
VAL HXT  H N N 333 
# 
loop_
_chem_comp_bond.comp_id 
_chem_comp_bond.atom_id_1 
_chem_comp_bond.atom_id_2 
_chem_comp_bond.value_order 
_chem_comp_bond.pdbx_aromatic_flag 
_chem_comp_bond.pdbx_stereo_config 
_chem_comp_bond.pdbx_ordinal 
ALA N   CA   sing N N 1   
ALA N   H    sing N N 2   
ALA N   H2   sing N N 3   
ALA CA  C    sing N N 4   
ALA CA  CB   sing N N 5   
ALA CA  HA   sing N N 6   
ALA C   O    doub N N 7   
ALA C   OXT  sing N N 8   
ALA CB  HB1  sing N N 9   
ALA CB  HB2  sing N N 10  
ALA CB  HB3  sing N N 11  
ALA OXT HXT  sing N N 12  
ARG N   CA   sing N N 13  
ARG N   H    sing N N 14  
ARG N   H2   sing N N 15  
ARG CA  C    sing N N 16  
ARG CA  CB   sing N N 17  
ARG CA  HA   sing N N 18  
ARG C   O    doub N N 19  
ARG C   OXT  sing N N 20  
ARG CB  CG   sing N N 21  
ARG CB  HB2  sing N N 22  
ARG CB  HB3  sing N N 23  
ARG CG  CD   sing N N 24  
ARG CG  HG2  sing N N 25  
ARG CG  HG3  sing N N 26  
ARG CD  NE   sing N N 27  
ARG CD  HD2  sing N N 28  
ARG CD  HD3  sing N N 29  
ARG NE  CZ   sing N N 30  
ARG NE  HE   sing N N 31  
ARG CZ  NH1  sing N N 32  
ARG CZ  NH2  doub N N 33  
ARG NH1 HH11 sing N N 34  
ARG NH1 HH12 sing N N 35  
ARG NH2 HH21 sing N N 36  
ARG NH2 HH22 sing N N 37  
ARG OXT HXT  sing N N 38  
ASN N   CA   sing N N 39  
ASN N   H    sing N N 40  
ASN N   H2   sing N N 41  
ASN CA  C    sing N N 42  
ASN CA  CB   sing N N 43  
ASN CA  HA   sing N N 44  
ASN C   O    doub N N 45  
ASN C   OXT  sing N N 46  
ASN CB  CG   sing N N 47  
ASN CB  HB2  sing N N 48  
ASN CB  HB3  sing N N 49  
ASN CG  OD1  doub N N 50  
ASN CG  ND2  sing N N 51  
ASN ND2 HD21 sing N N 52  
ASN ND2 HD22 sing N N 53  
ASN OXT HXT  sing N N 54  
CYS N   CA   sing N N 55  
CYS N   H    sing N N 56  
CYS N   H2   sing N N 57  
CYS CA  C    sing N N 58  
CYS CA  CB   sing N N 59  
CYS CA  HA   sing N N 60  
CYS C   O    doub N N 61  
CYS C   OXT  sing N N 62  
CYS CB  SG   sing N N 63  
CYS CB  HB2  sing N N 64  
CYS CB  HB3  sing N N 65  
CYS SG  HG   sing N N 66  
CYS OXT HXT  sing N N 67  
GLN N   CA   sing N N 68  
GLN N   H    sing N N 69  
GLN N   H2   sing N N 70  
GLN CA  C    sing N N 71  
GLN CA  CB   sing N N 72  
GLN CA  HA   sing N N 73  
GLN C   O    doub N N 74  
GLN C   OXT  sing N N 75  
GLN CB  CG   sing N N 76  
GLN CB  HB2  sing N N 77  
GLN CB  HB3  sing N N 78  
GLN CG  CD   sing N N 79  
GLN CG  HG2  sing N N 80  
GLN CG  HG3  sing N N 81  
GLN CD  OE1  doub N N 82  
GLN CD  NE2  sing N N 83  
GLN NE2 HE21 sing N N 84  
GLN NE2 HE22 sing N N 85  
GLN OXT HXT  sing N N 86  
GLU N   CA   sing N N 87  
GLU N   H    sing N N 88  
GLU N   H2   sing N N 89  
GLU CA  C    sing N N 90  
GLU CA  CB   sing N N 91  
GLU CA  HA   sing N N 92  
GLU C   O    doub N N 93  
GLU C   OXT  sing N N 94  
GLU CB  CG   sing N N 95  
GLU CB  HB2  sing N N 96  
GLU CB  HB3  sing N N 97  
GLU CG  CD   sing N N 98  
GLU CG  HG2  sing N N 99  
GLU CG  HG3  sing N N 100 
GLU CD  OE1  doub N N 101 
GLU CD  OE2  sing N N 102 
GLU OE2 HE2  sing N N 103 
GLU OXT HXT  sing N N 104 
GLY N   CA   sing N N 105 
GLY N   H    sing N N 106 
GLY N   H2   sing N N 107 
GLY CA  C    sing N N 108 
GLY CA  HA2  sing N N 109 
GLY CA  HA3  sing N N 110 
GLY C   O    doub N N 111 
GLY C   OXT  sing N N 112 
GLY OXT HXT  sing N N 113 
HOH O   H1   sing N N 114 
HOH O   H2   sing N N 115 
ILE N   CA   sing N N 116 
ILE N   H    sing N N 117 
ILE N   H2   sing N N 118 
ILE CA  C    sing N N 119 
ILE CA  CB   sing N N 120 
ILE CA  HA   sing N N 121 
ILE C   O    doub N N 122 
ILE C   OXT  sing N N 123 
ILE CB  CG1  sing N N 124 
ILE CB  CG2  sing N N 125 
ILE CB  HB   sing N N 126 
ILE CG1 CD1  sing N N 127 
ILE CG1 HG12 sing N N 128 
ILE CG1 HG13 sing N N 129 
ILE CG2 HG21 sing N N 130 
ILE CG2 HG22 sing N N 131 
ILE CG2 HG23 sing N N 132 
ILE CD1 HD11 sing N N 133 
ILE CD1 HD12 sing N N 134 
ILE CD1 HD13 sing N N 135 
ILE OXT HXT  sing N N 136 
LEU N   CA   sing N N 137 
LEU N   H    sing N N 138 
LEU N   H2   sing N N 139 
LEU CA  C    sing N N 140 
LEU CA  CB   sing N N 141 
LEU CA  HA   sing N N 142 
LEU C   O    doub N N 143 
LEU C   OXT  sing N N 144 
LEU CB  CG   sing N N 145 
LEU CB  HB2  sing N N 146 
LEU CB  HB3  sing N N 147 
LEU CG  CD1  sing N N 148 
LEU CG  CD2  sing N N 149 
LEU CG  HG   sing N N 150 
LEU CD1 HD11 sing N N 151 
LEU CD1 HD12 sing N N 152 
LEU CD1 HD13 sing N N 153 
LEU CD2 HD21 sing N N 154 
LEU CD2 HD22 sing N N 155 
LEU CD2 HD23 sing N N 156 
LEU OXT HXT  sing N N 157 
LYS N   CA   sing N N 158 
LYS N   H    sing N N 159 
LYS N   H2   sing N N 160 
LYS CA  C    sing N N 161 
LYS CA  CB   sing N N 162 
LYS CA  HA   sing N N 163 
LYS C   O    doub N N 164 
LYS C   OXT  sing N N 165 
LYS CB  CG   sing N N 166 
LYS CB  HB2  sing N N 167 
LYS CB  HB3  sing N N 168 
LYS CG  CD   sing N N 169 
LYS CG  HG2  sing N N 170 
LYS CG  HG3  sing N N 171 
LYS CD  CE   sing N N 172 
LYS CD  HD2  sing N N 173 
LYS CD  HD3  sing N N 174 
LYS CE  NZ   sing N N 175 
LYS CE  HE2  sing N N 176 
LYS CE  HE3  sing N N 177 
LYS NZ  HZ1  sing N N 178 
LYS NZ  HZ2  sing N N 179 
LYS NZ  HZ3  sing N N 180 
LYS OXT HXT  sing N N 181 
PHE N   CA   sing N N 182 
PHE N   H    sing N N 183 
PHE N   H2   sing N N 184 
PHE CA  C    sing N N 185 
PHE CA  CB   sing N N 186 
PHE CA  HA   sing N N 187 
PHE C   O    doub N N 188 
PHE C   OXT  sing N N 189 
PHE CB  CG   sing N N 190 
PHE CB  HB2  sing N N 191 
PHE CB  HB3  sing N N 192 
PHE CG  CD1  doub Y N 193 
PHE CG  CD2  sing Y N 194 
PHE CD1 CE1  sing Y N 195 
PHE CD1 HD1  sing N N 196 
PHE CD2 CE2  doub Y N 197 
PHE CD2 HD2  sing N N 198 
PHE CE1 CZ   doub Y N 199 
PHE CE1 HE1  sing N N 200 
PHE CE2 CZ   sing Y N 201 
PHE CE2 HE2  sing N N 202 
PHE CZ  HZ   sing N N 203 
PHE OXT HXT  sing N N 204 
PRO N   CA   sing N N 205 
PRO N   CD   sing N N 206 
PRO N   H    sing N N 207 
PRO CA  C    sing N N 208 
PRO CA  CB   sing N N 209 
PRO CA  HA   sing N N 210 
PRO C   O    doub N N 211 
PRO C   OXT  sing N N 212 
PRO CB  CG   sing N N 213 
PRO CB  HB2  sing N N 214 
PRO CB  HB3  sing N N 215 
PRO CG  CD   sing N N 216 
PRO CG  HG2  sing N N 217 
PRO CG  HG3  sing N N 218 
PRO CD  HD2  sing N N 219 
PRO CD  HD3  sing N N 220 
PRO OXT HXT  sing N N 221 
SER N   CA   sing N N 222 
SER N   H    sing N N 223 
SER N   H2   sing N N 224 
SER CA  C    sing N N 225 
SER CA  CB   sing N N 226 
SER CA  HA   sing N N 227 
SER C   O    doub N N 228 
SER C   OXT  sing N N 229 
SER CB  OG   sing N N 230 
SER CB  HB2  sing N N 231 
SER CB  HB3  sing N N 232 
SER OG  HG   sing N N 233 
SER OXT HXT  sing N N 234 
THR N   CA   sing N N 235 
THR N   H    sing N N 236 
THR N   H2   sing N N 237 
THR CA  C    sing N N 238 
THR CA  CB   sing N N 239 
THR CA  HA   sing N N 240 
THR C   O    doub N N 241 
THR C   OXT  sing N N 242 
THR CB  OG1  sing N N 243 
THR CB  CG2  sing N N 244 
THR CB  HB   sing N N 245 
THR OG1 HG1  sing N N 246 
THR CG2 HG21 sing N N 247 
THR CG2 HG22 sing N N 248 
THR CG2 HG23 sing N N 249 
THR OXT HXT  sing N N 250 
TRP N   CA   sing N N 251 
TRP N   H    sing N N 252 
TRP N   H2   sing N N 253 
TRP CA  C    sing N N 254 
TRP CA  CB   sing N N 255 
TRP CA  HA   sing N N 256 
TRP C   O    doub N N 257 
TRP C   OXT  sing N N 258 
TRP CB  CG   sing N N 259 
TRP CB  HB2  sing N N 260 
TRP CB  HB3  sing N N 261 
TRP CG  CD1  doub Y N 262 
TRP CG  CD2  sing Y N 263 
TRP CD1 NE1  sing Y N 264 
TRP CD1 HD1  sing N N 265 
TRP CD2 CE2  doub Y N 266 
TRP CD2 CE3  sing Y N 267 
TRP NE1 CE2  sing Y N 268 
TRP NE1 HE1  sing N N 269 
TRP CE2 CZ2  sing Y N 270 
TRP CE3 CZ3  doub Y N 271 
TRP CE3 HE3  sing N N 272 
TRP CZ2 CH2  doub Y N 273 
TRP CZ2 HZ2  sing N N 274 
TRP CZ3 CH2  sing Y N 275 
TRP CZ3 HZ3  sing N N 276 
TRP CH2 HH2  sing N N 277 
TRP OXT HXT  sing N N 278 
TYR N   CA   sing N N 279 
TYR N   H    sing N N 280 
TYR N   H2   sing N N 281 
TYR CA  C    sing N N 282 
TYR CA  CB   sing N N 283 
TYR CA  HA   sing N N 284 
TYR C   O    doub N N 285 
TYR C   OXT  sing N N 286 
TYR CB  CG   sing N N 287 
TYR CB  HB2  sing N N 288 
TYR CB  HB3  sing N N 289 
TYR CG  CD1  doub Y N 290 
TYR CG  CD2  sing Y N 291 
TYR CD1 CE1  sing Y N 292 
TYR CD1 HD1  sing N N 293 
TYR CD2 CE2  doub Y N 294 
TYR CD2 HD2  sing N N 295 
TYR CE1 CZ   doub Y N 296 
TYR CE1 HE1  sing N N 297 
TYR CE2 CZ   sing Y N 298 
TYR CE2 HE2  sing N N 299 
TYR CZ  OH   sing N N 300 
TYR OH  HH   sing N N 301 
TYR OXT HXT  sing N N 302 
VAL N   CA   sing N N 303 
VAL N   H    sing N N 304 
VAL N   H2   sing N N 305 
VAL CA  C    sing N N 306 
VAL CA  CB   sing N N 307 
VAL CA  HA   sing N N 308 
VAL C   O    doub N N 309 
VAL C   OXT  sing N N 310 
VAL CB  CG1  sing N N 311 
VAL CB  CG2  sing N N 312 
VAL CB  HB   sing N N 313 
VAL CG1 HG11 sing N N 314 
VAL CG1 HG12 sing N N 315 
VAL CG1 HG13 sing N N 316 
VAL CG2 HG21 sing N N 317 
VAL CG2 HG22 sing N N 318 
VAL CG2 HG23 sing N N 319 
VAL OXT HXT  sing N N 320 
# 
_pdbx_initial_refinement_model.id               1 
_pdbx_initial_refinement_model.entity_id_list   ? 
_pdbx_initial_refinement_model.type             'experimental model' 
_pdbx_initial_refinement_model.source_name      PDB 
_pdbx_initial_refinement_model.accession_code   1BF0 
_pdbx_initial_refinement_model.details          ? 
# 
_atom_sites.entry_id                    5YV7 
_atom_sites.fract_transf_matrix[1][1]   0.00863472 
_atom_sites.fract_transf_matrix[1][2]   0.00229826 
_atom_sites.fract_transf_matrix[1][3]   0.00535671 
_atom_sites.fract_transf_matrix[2][1]   -0.00160725 
_atom_sites.fract_transf_matrix[2][2]   -0.00826411 
_atom_sites.fract_transf_matrix[2][3]   0.00613645 
_atom_sites.fract_transf_matrix[3][1]   0.01362015 
_atom_sites.fract_transf_matrix[3][2]   -0.01437255 
_atom_sites.fract_transf_matrix[3][3]   -0.01578850 
_atom_sites.fract_transf_vector[1]      -0.141304 
_atom_sites.fract_transf_vector[2]      -0.148788 
_atom_sites.fract_transf_vector[3]      0.066384 
# 
loop_
_atom_type.symbol 
C 
N 
O 
S 
# 
loop_
_atom_site.group_PDB 
_atom_site.id 
_atom_site.type_symbol 
_atom_site.label_atom_id 
_atom_site.label_alt_id 
_atom_site.label_comp_id 
_atom_site.label_asym_id 
_atom_site.label_entity_id 
_atom_site.label_seq_id 
_atom_site.pdbx_PDB_ins_code 
_atom_site.Cartn_x 
_atom_site.Cartn_y 
_atom_site.Cartn_z 
_atom_site.occupancy 
_atom_site.B_iso_or_equiv 
_atom_site.pdbx_formal_charge 
_atom_site.auth_seq_id 
_atom_site.auth_comp_id 
_atom_site.auth_asym_id 
_atom_site.auth_atom_id 
_atom_site.pdbx_PDB_model_num 
ATOM   1   N N   . TRP A 1 1  ? 11.417  -4.443  15.084  1.00 37.52 ? 1   TRP A N   1 
ATOM   2   C CA  . TRP A 1 1  ? 10.119  -4.108  14.505  1.00 36.85 ? 1   TRP A CA  1 
ATOM   3   C C   . TRP A 1 1  ? 9.723   -5.055  13.375  1.00 38.09 ? 1   TRP A C   1 
ATOM   4   O O   . TRP A 1 1  ? 10.535  -5.383  12.504  1.00 38.89 ? 1   TRP A O   1 
ATOM   5   C CB  . TRP A 1 1  ? 10.100  -2.669  13.973  1.00 35.30 ? 1   TRP A CB  1 
ATOM   6   C CG  . TRP A 1 1  ? 8.874   -2.387  13.135  1.00 36.84 ? 1   TRP A CG  1 
ATOM   7   C CD1 . TRP A 1 1  ? 8.753   -2.542  11.779  1.00 36.74 ? 1   TRP A CD1 1 
ATOM   8   C CD2 . TRP A 1 1  ? 7.591   -1.935  13.602  1.00 35.98 ? 1   TRP A CD2 1 
ATOM   9   N NE1 . TRP A 1 1  ? 7.486   -2.208  11.378  1.00 38.61 ? 1   TRP A NE1 1 
ATOM   10  C CE2 . TRP A 1 1  ? 6.748   -1.835  12.473  1.00 40.69 ? 1   TRP A CE2 1 
ATOM   11  C CE3 . TRP A 1 1  ? 7.075   -1.601  14.860  1.00 36.04 ? 1   TRP A CE3 1 
ATOM   12  C CZ2 . TRP A 1 1  ? 5.411   -1.416  12.564  1.00 39.15 ? 1   TRP A CZ2 1 
ATOM   13  C CZ3 . TRP A 1 1  ? 5.750   -1.185  14.953  1.00 39.29 ? 1   TRP A CZ3 1 
ATOM   14  C CH2 . TRP A 1 1  ? 4.933   -1.093  13.809  1.00 38.60 ? 1   TRP A CH2 1 
ATOM   15  N N   . GLN A 1 2  ? 8.459   -5.477  13.397  1.00 35.32 ? 2   GLN A N   1 
ATOM   16  C CA  . GLN A 1 2  ? 7.819   -6.197  12.309  1.00 38.27 ? 2   GLN A CA  1 
ATOM   17  C C   . GLN A 1 2  ? 6.559   -5.457  11.877  1.00 39.75 ? 2   GLN A C   1 
ATOM   18  O O   . GLN A 1 2  ? 5.814   -4.960  12.728  1.00 39.15 ? 2   GLN A O   1 
ATOM   19  C CB  . GLN A 1 2  ? 7.446   -7.629  12.721  1.00 37.39 ? 2   GLN A CB  1 
ATOM   20  C CG  . GLN A 1 2  ? 8.607   -8.464  13.209  1.00 35.05 ? 2   GLN A CG  1 
ATOM   21  C CD  . GLN A 1 2  ? 8.143   -9.809  13.745  1.00 40.29 ? 2   GLN A CD  1 
ATOM   22  O OE1 . GLN A 1 2  ? 7.404   -9.877  14.733  1.00 37.96 ? 2   GLN A OE1 1 
ATOM   23  N NE2 . GLN A 1 2  ? 8.569   -10.888 13.089  1.00 37.43 ? 2   GLN A NE2 1 
ATOM   24  N N   . PRO A 1 3  ? 6.299   -5.355  10.578  1.00 40.72 ? 3   PRO A N   1 
ATOM   25  C CA  . PRO A 1 3  ? 5.086   -4.663  10.104  1.00 37.69 ? 3   PRO A CA  1 
ATOM   26  C C   . PRO A 1 3  ? 3.839   -5.490  10.368  1.00 37.21 ? 3   PRO A C   1 
ATOM   27  O O   . PRO A 1 3  ? 3.914   -6.722  10.479  1.00 36.09 ? 3   PRO A O   1 
ATOM   28  C CB  . PRO A 1 3  ? 5.340   -4.511  8.600   1.00 34.96 ? 3   PRO A CB  1 
ATOM   29  C CG  . PRO A 1 3  ? 6.221   -5.648  8.262   1.00 37.84 ? 3   PRO A CG  1 
ATOM   30  C CD  . PRO A 1 3  ? 7.134   -5.832  9.462   1.00 38.03 ? 3   PRO A CD  1 
ATOM   31  N N   . PRO A 1 4  ? 2.681   -4.841  10.486  1.00 38.87 ? 4   PRO A N   1 
ATOM   32  C CA  . PRO A 1 4  ? 1.411   -5.574  10.573  1.00 35.73 ? 4   PRO A CA  1 
ATOM   33  C C   . PRO A 1 4  ? 1.100   -6.303  9.272   1.00 39.84 ? 4   PRO A C   1 
ATOM   34  O O   . PRO A 1 4  ? 1.697   -6.045  8.224   1.00 38.88 ? 4   PRO A O   1 
ATOM   35  C CB  . PRO A 1 4  ? 0.381   -4.478  10.857  1.00 37.27 ? 4   PRO A CB  1 
ATOM   36  C CG  . PRO A 1 4  ? 0.993   -3.224  10.299  1.00 38.17 ? 4   PRO A CG  1 
ATOM   37  C CD  . PRO A 1 4  ? 2.485   -3.380  10.516  1.00 40.88 ? 4   PRO A CD  1 
ATOM   38  N N   . TRP A 1 5  ? 0.114   -7.210  9.358   1.00 37.00 ? 5   TRP A N   1 
ATOM   39  C CA  . TRP A 1 5  ? -0.109  -8.200  8.305   1.00 38.29 ? 5   TRP A CA  1 
ATOM   40  C C   . TRP A 1 5  ? -0.460  -7.544  6.974   1.00 41.77 ? 5   TRP A C   1 
ATOM   41  O O   . TRP A 1 5  ? -0.025  -8.005  5.909   1.00 39.67 ? 5   TRP A O   1 
ATOM   42  C CB  . TRP A 1 5  ? -1.218  -9.172  8.721   1.00 36.82 ? 5   TRP A CB  1 
ATOM   43  C CG  . TRP A 1 5  ? -2.585  -8.527  8.736   1.00 38.67 ? 5   TRP A CG  1 
ATOM   44  C CD1 . TRP A 1 5  ? -3.158  -7.838  9.772   1.00 37.37 ? 5   TRP A CD1 1 
ATOM   45  C CD2 . TRP A 1 5  ? -3.529  -8.476  7.654   1.00 35.12 ? 5   TRP A CD2 1 
ATOM   46  N NE1 . TRP A 1 5  ? -4.395  -7.371  9.405   1.00 38.04 ? 5   TRP A NE1 1 
ATOM   47  C CE2 . TRP A 1 5  ? -4.650  -7.748  8.111   1.00 38.64 ? 5   TRP A CE2 1 
ATOM   48  C CE3 . TRP A 1 5  ? -3.535  -8.973  6.344   1.00 39.08 ? 5   TRP A CE3 1 
ATOM   49  C CZ2 . TRP A 1 5  ? -5.777  -7.509  7.301   1.00 39.91 ? 5   TRP A CZ2 1 
ATOM   50  C CZ3 . TRP A 1 5  ? -4.665  -8.734  5.531   1.00 37.17 ? 5   TRP A CZ3 1 
ATOM   51  C CH2 . TRP A 1 5  ? -5.761  -8.004  6.016   1.00 33.25 ? 5   TRP A CH2 1 
ATOM   52  N N   . TYR A 1 6  ? -1.263  -6.479  7.004   1.00 41.24 ? 6   TYR A N   1 
ATOM   53  C CA  . TYR A 1 6  ? -1.732  -5.915  5.750   1.00 40.71 ? 6   TYR A CA  1 
ATOM   54  C C   . TYR A 1 6  ? -0.606  -5.261  4.964   1.00 42.04 ? 6   TYR A C   1 
ATOM   55  O O   . TYR A 1 6  ? -0.718  -5.140  3.739   1.00 41.87 ? 6   TYR A O   1 
ATOM   56  C CB  . TYR A 1 6  ? -2.860  -4.921  5.999   1.00 39.89 ? 6   TYR A CB  1 
ATOM   57  C CG  . TYR A 1 6  ? -2.605  -3.893  7.073   1.00 41.24 ? 6   TYR A CG  1 
ATOM   58  C CD1 . TYR A 1 6  ? -2.021  -2.672  6.765   1.00 40.96 ? 6   TYR A CD1 1 
ATOM   59  C CD2 . TYR A 1 6  ? -2.989  -4.126  8.391   1.00 39.72 ? 6   TYR A CD2 1 
ATOM   60  C CE1 . TYR A 1 6  ? -1.804  -1.717  7.740   1.00 39.61 ? 6   TYR A CE1 1 
ATOM   61  C CE2 . TYR A 1 6  ? -2.783  -3.178  9.372   1.00 37.17 ? 6   TYR A CE2 1 
ATOM   62  C CZ  . TYR A 1 6  ? -2.189  -1.972  9.043   1.00 42.45 ? 6   TYR A CZ  1 
ATOM   63  O OH  . TYR A 1 6  ? -1.973  -1.016  10.014  1.00 42.56 ? 6   TYR A OH  1 
ATOM   64  N N   . CYS A 1 7  ? 0.484   -4.873  5.635   1.00 38.22 ? 7   CYS A N   1 
ATOM   65  C CA  . CYS A 1 7  ? 1.652   -4.335  4.949   1.00 39.79 ? 7   CYS A CA  1 
ATOM   66  C C   . CYS A 1 7  ? 2.421   -5.400  4.180   1.00 39.22 ? 7   CYS A C   1 
ATOM   67  O O   . CYS A 1 7  ? 3.299   -5.054  3.381   1.00 39.82 ? 7   CYS A O   1 
ATOM   68  C CB  . CYS A 1 7  ? 2.571   -3.645  5.961   1.00 38.07 ? 7   CYS A CB  1 
ATOM   69  S SG  . CYS A 1 7  ? 1.749   -2.300  6.840   1.00 43.57 ? 7   CYS A SG  1 
ATOM   70  N N   . LYS A 1 8  ? 2.119   -6.676  4.397   1.00 39.65 ? 8   LYS A N   1 
ATOM   71  C CA  . LYS A 1 8  ? 2.794   -7.764  3.708   1.00 42.73 ? 8   LYS A CA  1 
ATOM   72  C C   . LYS A 1 8  ? 1.989   -8.313  2.537   1.00 42.25 ? 8   LYS A C   1 
ATOM   73  O O   . LYS A 1 8  ? 2.465   -9.220  1.849   1.00 44.28 ? 8   LYS A O   1 
ATOM   74  C CB  . LYS A 1 8  ? 3.098   -8.904  4.683   1.00 41.95 ? 8   LYS A CB  1 
ATOM   75  C CG  . LYS A 1 8  ? 4.360   -8.743  5.510   1.00 51.02 ? 8   LYS A CG  1 
ATOM   76  C CD  . LYS A 1 8  ? 4.188   -9.364  6.902   1.00 45.16 ? 8   LYS A CD  1 
ATOM   77  C CE  . LYS A 1 8  ? 5.162   -10.498 7.193   1.00 51.40 ? 8   LYS A CE  1 
ATOM   78  N NZ  . LYS A 1 8  ? 5.050   -10.946 8.643   1.00 49.47 ? 8   LYS A NZ  1 
ATOM   79  N N   . GLU A 1 9  ? 0.786   -7.804  2.310   1.00 39.97 ? 9   GLU A N   1 
ATOM   80  C CA  . GLU A 1 9  ? -0.005  -8.263  1.184   1.00 41.86 ? 9   GLU A CA  1 
ATOM   81  C C   . GLU A 1 9  ? 0.596   -7.744  -0.121  1.00 41.53 ? 9   GLU A C   1 
ATOM   82  O O   . GLU A 1 9  ? 1.235   -6.690  -0.139  1.00 42.90 ? 9   GLU A O   1 
ATOM   83  C CB  . GLU A 1 9  ? -1.445  -7.792  1.325   1.00 41.61 ? 9   GLU A CB  1 
ATOM   84  C CG  . GLU A 1 9  ? -2.156  -8.375  2.540   1.00 41.41 ? 9   GLU A CG  1 
ATOM   85  C CD  . GLU A 1 9  ? -2.612  -9.795  2.297   1.00 45.49 ? 9   GLU A CD  1 
ATOM   86  O OE1 . GLU A 1 9  ? -3.513  -9.988  1.444   1.00 54.24 ? 9   GLU A OE1 1 
ATOM   87  O OE2 . GLU A 1 9  ? -2.063  -10.711 2.945   1.00 43.20 ? 9   GLU A OE2 1 
ATOM   88  N N   . PRO A 1 10 ? 0.449   -8.483  -1.216  1.00 40.56 ? 10  PRO A N   1 
ATOM   89  C CA  . PRO A 1 10 ? 0.988   -8.003  -2.496  1.00 37.81 ? 10  PRO A CA  1 
ATOM   90  C C   . PRO A 1 10 ? 0.226   -6.776  -2.980  1.00 41.20 ? 10  PRO A C   1 
ATOM   91  O O   . PRO A 1 10 ? -0.948  -6.573  -2.653  1.00 38.32 ? 10  PRO A O   1 
ATOM   92  C CB  . PRO A 1 10 ? 0.778   -9.193  -3.441  1.00 37.39 ? 10  PRO A CB  1 
ATOM   93  C CG  . PRO A 1 10 ? -0.436  -9.907  -2.853  1.00 36.48 ? 10  PRO A CG  1 
ATOM   94  C CD  . PRO A 1 10 ? -0.265  -9.769  -1.352  1.00 39.03 ? 10  PRO A CD  1 
ATOM   95  N N   . VAL A 1 11 ? 0.916   -5.940  -3.761  1.00 38.26 ? 11  VAL A N   1 
ATOM   96  C CA  . VAL A 1 11 ? 0.256   -4.776  -4.324  1.00 38.54 ? 11  VAL A CA  1 
ATOM   97  C C   . VAL A 1 11 ? -0.872  -5.263  -5.221  1.00 38.70 ? 11  VAL A C   1 
ATOM   98  O O   . VAL A 1 11 ? -0.730  -6.256  -5.944  1.00 42.54 ? 11  VAL A O   1 
ATOM   99  C CB  . VAL A 1 11 ? 1.263   -3.888  -5.077  1.00 39.76 ? 11  VAL A CB  1 
ATOM   100 C CG1 . VAL A 1 11 ? 1.789   -4.587  -6.344  1.00 37.26 ? 11  VAL A CG1 1 
ATOM   101 C CG2 . VAL A 1 11 ? 0.636   -2.522  -5.412  1.00 37.13 ? 11  VAL A CG2 1 
ATOM   102 N N   . ARG A 1 12 ? -2.024  -4.602  -5.137  1.00 36.12 ? 12  ARG A N   1 
ATOM   103 C CA  . ARG A 1 12 ? -3.195  -5.034  -5.900  1.00 37.03 ? 12  ARG A CA  1 
ATOM   104 C C   . ARG A 1 12 ? -3.856  -3.818  -6.544  1.00 38.62 ? 12  ARG A C   1 
ATOM   105 O O   . ARG A 1 12 ? -4.522  -3.024  -5.872  1.00 38.45 ? 12  ARG A O   1 
ATOM   106 C CB  . ARG A 1 12 ? -4.174  -5.794  -5.018  1.00 43.53 ? 12  ARG A CB  1 
ATOM   107 C CG  . ARG A 1 12 ? -4.884  -6.900  -5.759  1.00 49.01 ? 12  ARG A CG  1 
ATOM   108 C CD  . ARG A 1 12 ? -6.033  -7.482  -4.954  1.00 56.26 ? 12  ARG A CD  1 
ATOM   109 N NE  . ARG A 1 12 ? -6.652  -8.601  -5.665  1.00 67.09 ? 12  ARG A NE  1 
ATOM   110 C CZ  . ARG A 1 12 ? -7.922  -8.981  -5.531  1.00 73.62 ? 12  ARG A CZ  1 
ATOM   111 N NH1 . ARG A 1 12 ? -8.738  -8.340  -4.691  1.00 67.89 ? 12  ARG A NH1 1 
ATOM   112 N NH2 . ARG A 1 12 ? -8.377  -10.015 -6.236  1.00 74.16 ? 12  ARG A NH2 1 
ATOM   113 N N   . ILE A 1 13 ? -3.681  -3.692  -7.858  1.00 33.99 ? 13  ILE A N   1 
ATOM   114 C CA  . ILE A 1 13 ? -4.292  -2.591  -8.582  1.00 36.36 ? 13  ILE A CA  1 
ATOM   115 C C   . ILE A 1 13 ? -5.802  -2.785  -8.710  1.00 40.81 ? 13  ILE A C   1 
ATOM   116 O O   . ILE A 1 13 ? -6.561  -1.806  -8.718  1.00 39.10 ? 13  ILE A O   1 
ATOM   117 C CB  . ILE A 1 13 ? -3.603  -2.442  -9.946  1.00 38.25 ? 13  ILE A CB  1 
ATOM   118 C CG1 . ILE A 1 13 ? -2.141  -2.052  -9.707  1.00 37.48 ? 13  ILE A CG1 1 
ATOM   119 C CG2 . ILE A 1 13 ? -4.351  -1.426  -10.820 1.00 35.13 ? 13  ILE A CG2 1 
ATOM   120 C CD1 . ILE A 1 13 ? -1.327  -1.939  -10.940 1.00 39.83 ? 13  ILE A CD1 1 
ATOM   121 N N   . GLY A 1 14 ? -6.264  -4.027  -8.800  1.00 39.65 ? 14  GLY A N   1 
ATOM   122 C CA  . GLY A 1 14 ? -7.685  -4.290  -8.802  1.00 37.55 ? 14  GLY A CA  1 
ATOM   123 C C   . GLY A 1 14 ? -8.299  -4.216  -10.185 1.00 43.49 ? 14  GLY A C   1 
ATOM   124 O O   . GLY A 1 14 ? -7.636  -4.019  -11.208 1.00 47.48 ? 14  GLY A O   1 
ATOM   125 N N   . SER A 1 15 ? -9.621  -4.340  -10.197 1.00 42.66 ? 15  SER A N   1 
ATOM   126 C CA  . SER A 1 15 ? -10.349 -4.677  -11.410 1.00 51.45 ? 15  SER A CA  1 
ATOM   127 C C   . SER A 1 15 ? -11.077 -3.501  -12.046 1.00 51.40 ? 15  SER A C   1 
ATOM   128 O O   . SER A 1 15 ? -11.578 -3.647  -13.164 1.00 50.32 ? 15  SER A O   1 
ATOM   129 C CB  . SER A 1 15 ? -11.357 -5.803  -11.115 1.00 50.18 ? 15  SER A CB  1 
ATOM   130 O OG  . SER A 1 15 ? -11.882 -5.707  -9.796  1.00 47.43 ? 15  SER A OG  1 
ATOM   131 N N   . CYS A 1 16 ? -11.144 -2.349  -11.383 1.00 47.54 ? 16  CYS A N   1 
ATOM   132 C CA  . CYS A 1 16 ? -11.838 -1.200  -11.952 1.00 45.61 ? 16  CYS A CA  1 
ATOM   133 C C   . CYS A 1 16 ? -10.986 -0.567  -13.045 1.00 44.23 ? 16  CYS A C   1 
ATOM   134 O O   . CYS A 1 16 ? -9.926  -1.075  -13.414 1.00 50.25 ? 16  CYS A O   1 
ATOM   135 C CB  . CYS A 1 16 ? -12.208 -0.207  -10.862 1.00 43.84 ? 16  CYS A CB  1 
ATOM   136 S SG  . CYS A 1 16 ? -13.767 -0.637  -10.087 1.00 47.21 ? 16  CYS A SG  1 
ATOM   137 N N   . LYS A 1 17 ? -11.442 0.568   -13.571 1.00 50.72 ? 17  LYS A N   1 
ATOM   138 C CA  . LYS A 1 17 ? -10.925 1.110   -14.823 1.00 51.26 ? 17  LYS A CA  1 
ATOM   139 C C   . LYS A 1 17 ? -10.423 2.544   -14.703 1.00 47.13 ? 17  LYS A C   1 
ATOM   140 O O   . LYS A 1 17 ? -10.280 3.224   -15.723 1.00 52.68 ? 17  LYS A O   1 
ATOM   141 C CB  . LYS A 1 17 ? -12.008 1.038   -15.900 1.00 60.99 ? 17  LYS A CB  1 
ATOM   142 C CG  . LYS A 1 17 ? -12.620 -0.348  -16.108 1.00 59.81 ? 17  LYS A CG  1 
ATOM   143 C CD  . LYS A 1 17 ? -13.518 -0.394  -17.355 1.00 77.05 ? 17  LYS A CD  1 
ATOM   144 C CE  . LYS A 1 17 ? -12.712 -0.576  -18.651 1.00 86.89 ? 17  LYS A CE  1 
ATOM   145 N NZ  . LYS A 1 17 ? -12.040 0.683   -19.121 1.00 83.02 ? 17  LYS A NZ  1 
ATOM   146 N N   . LYS A 1 18 ? -10.154 3.029   -13.495 1.00 48.90 ? 18  LYS A N   1 
ATOM   147 C CA  . LYS A 1 18 ? -9.686  4.404   -13.302 1.00 45.88 ? 18  LYS A CA  1 
ATOM   148 C C   . LYS A 1 18 ? -8.287  4.381   -12.693 1.00 43.68 ? 18  LYS A C   1 
ATOM   149 O O   . LYS A 1 18 ? -7.613  3.351   -12.697 1.00 50.08 ? 18  LYS A O   1 
ATOM   150 C CB  . LYS A 1 18 ? -10.681 5.186   -12.446 1.00 44.86 ? 18  LYS A CB  1 
ATOM   151 C CG  . LYS A 1 18 ? -12.051 5.295   -13.098 1.00 51.04 ? 18  LYS A CG  1 
ATOM   152 C CD  . LYS A 1 18 ? -11.951 5.986   -14.463 1.00 42.46 ? 18  LYS A CD  1 
ATOM   153 C CE  . LYS A 1 18 ? -13.317 6.214   -15.088 1.00 43.63 ? 18  LYS A CE  1 
ATOM   154 N NZ  . LYS A 1 18 ? -13.202 7.131   -16.253 1.00 55.53 ? 18  LYS A NZ  1 
ATOM   155 N N   . GLN A 1 19 ? -7.837  5.519   -12.173 1.00 42.11 ? 19  GLN A N   1 
ATOM   156 C CA  . GLN A 1 19 ? -6.534  5.533   -11.520 1.00 44.26 ? 19  GLN A CA  1 
ATOM   157 C C   . GLN A 1 19 ? -6.506  6.535   -10.371 1.00 44.00 ? 19  GLN A C   1 
ATOM   158 O O   . GLN A 1 19 ? -7.000  7.659   -10.491 1.00 42.75 ? 19  GLN A O   1 
ATOM   159 C CB  . GLN A 1 19 ? -5.396  5.815   -12.512 1.00 42.95 ? 19  GLN A CB  1 
ATOM   160 C CG  . GLN A 1 19 ? -5.404  7.146   -13.187 1.00 42.95 ? 19  GLN A CG  1 
ATOM   161 C CD  . GLN A 1 19 ? -4.162  7.352   -14.058 1.00 47.43 ? 19  GLN A CD  1 
ATOM   162 O OE1 . GLN A 1 19 ? -4.150  7.000   -15.242 1.00 49.80 ? 19  GLN A OE1 1 
ATOM   163 N NE2 . GLN A 1 19 ? -3.122  7.939   -13.477 1.00 45.14 ? 19  GLN A NE2 1 
ATOM   164 N N   . PHE A 1 20 ? -5.918  6.105   -9.257  1.00 39.84 ? 20  PHE A N   1 
ATOM   165 C CA  . PHE A 1 20 ? -5.816  6.916   -8.051  1.00 41.71 ? 20  PHE A CA  1 
ATOM   166 C C   . PHE A 1 20 ? -4.428  6.718   -7.473  1.00 42.01 ? 20  PHE A C   1 
ATOM   167 O O   . PHE A 1 20 ? -4.051  5.590   -7.132  1.00 41.18 ? 20  PHE A O   1 
ATOM   168 C CB  . PHE A 1 20 ? -6.881  6.532   -7.018  1.00 39.08 ? 20  PHE A CB  1 
ATOM   169 C CG  . PHE A 1 20 ? -8.276  6.695   -7.510  1.00 41.13 ? 20  PHE A CG  1 
ATOM   170 C CD1 . PHE A 1 20 ? -8.919  5.657   -8.179  1.00 41.68 ? 20  PHE A CD1 1 
ATOM   171 C CD2 . PHE A 1 20 ? -8.951  7.889   -7.321  1.00 36.82 ? 20  PHE A CD2 1 
ATOM   172 C CE1 . PHE A 1 20 ? -10.213 5.811   -8.652  1.00 39.75 ? 20  PHE A CE1 1 
ATOM   173 C CE2 . PHE A 1 20 ? -10.241 8.049   -7.786  1.00 35.43 ? 20  PHE A CE2 1 
ATOM   174 C CZ  . PHE A 1 20 ? -10.873 7.013   -8.456  1.00 39.01 ? 20  PHE A CZ  1 
ATOM   175 N N   . SER A 1 21 ? -3.675  7.804   -7.366  1.00 40.73 ? 21  SER A N   1 
ATOM   176 C CA  . SER A 1 21 ? -2.343  7.713   -6.793  1.00 38.90 ? 21  SER A CA  1 
ATOM   177 C C   . SER A 1 21 ? -2.431  7.181   -5.378  1.00 39.42 ? 21  SER A C   1 
ATOM   178 O O   . SER A 1 21 ? -3.232  7.654   -4.567  1.00 42.90 ? 21  SER A O   1 
ATOM   179 C CB  . SER A 1 21 ? -1.666  9.071   -6.819  1.00 33.44 ? 21  SER A CB  1 
ATOM   180 O OG  . SER A 1 21 ? -1.568  9.494   -8.166  1.00 49.44 ? 21  SER A OG  1 
ATOM   181 N N   . SER A 1 22 ? -1.616  6.178   -5.094  1.00 37.89 ? 22  SER A N   1 
ATOM   182 C CA  . SER A 1 22 ? -1.676  5.470   -3.833  1.00 38.86 ? 22  SER A CA  1 
ATOM   183 C C   . SER A 1 22 ? -0.263  5.067   -3.431  1.00 39.60 ? 22  SER A C   1 
ATOM   184 O O   . SER A 1 22 ? 0.704   5.256   -4.173  1.00 41.45 ? 22  SER A O   1 
ATOM   185 C CB  . SER A 1 22 ? -2.608  4.253   -3.939  1.00 35.01 ? 22  SER A CB  1 
ATOM   186 O OG  . SER A 1 22 ? -3.949  4.642   -4.194  1.00 40.17 ? 22  SER A OG  1 
ATOM   187 N N   . PHE A 1 23 ? -0.148  4.503   -2.244  1.00 38.35 ? 23  PHE A N   1 
ATOM   188 C CA  . PHE A 1 23 ? 1.107   3.955   -1.771  1.00 38.15 ? 23  PHE A CA  1 
ATOM   189 C C   . PHE A 1 23 ? 0.856   2.556   -1.235  1.00 39.17 ? 23  PHE A C   1 
ATOM   190 O O   . PHE A 1 23 ? -0.240  2.247   -0.751  1.00 37.52 ? 23  PHE A O   1 
ATOM   191 C CB  . PHE A 1 23 ? 1.731   4.852   -0.707  1.00 36.56 ? 23  PHE A CB  1 
ATOM   192 C CG  . PHE A 1 23 ? 2.198   6.167   -1.247  1.00 40.19 ? 23  PHE A CG  1 
ATOM   193 C CD1 . PHE A 1 23 ? 1.323   7.247   -1.336  1.00 42.40 ? 23  PHE A CD1 1 
ATOM   194 C CD2 . PHE A 1 23 ? 3.494   6.315   -1.707  1.00 39.36 ? 23  PHE A CD2 1 
ATOM   195 C CE1 . PHE A 1 23 ? 1.736   8.459   -1.864  1.00 40.73 ? 23  PHE A CE1 1 
ATOM   196 C CE2 . PHE A 1 23 ? 3.920   7.530   -2.234  1.00 43.86 ? 23  PHE A CE2 1 
ATOM   197 C CZ  . PHE A 1 23 ? 3.037   8.605   -2.311  1.00 40.49 ? 23  PHE A CZ  1 
ATOM   198 N N   . TYR A 1 24 ? 1.861   1.698   -1.384  1.00 36.59 ? 24  TYR A N   1 
ATOM   199 C CA  . TYR A 1 24 ? 1.839   0.382   -0.769  1.00 37.81 ? 24  TYR A CA  1 
ATOM   200 C C   . TYR A 1 24 ? 3.197   0.123   -0.145  1.00 38.84 ? 24  TYR A C   1 
ATOM   201 O O   . TYR A 1 24 ? 4.190   0.790   -0.454  1.00 41.09 ? 24  TYR A O   1 
ATOM   202 C CB  . TYR A 1 24 ? 1.493   -0.736  -1.763  1.00 37.52 ? 24  TYR A CB  1 
ATOM   203 C CG  . TYR A 1 24 ? 2.664   -1.258  -2.581  1.00 37.56 ? 24  TYR A CG  1 
ATOM   204 C CD1 . TYR A 1 24 ? 3.193   -0.518  -3.634  1.00 37.94 ? 24  TYR A CD1 1 
ATOM   205 C CD2 . TYR A 1 24 ? 3.221   -2.500  -2.314  1.00 38.09 ? 24  TYR A CD2 1 
ATOM   206 C CE1 . TYR A 1 24 ? 4.245   -1.003  -4.393  1.00 36.34 ? 24  TYR A CE1 1 
ATOM   207 C CE2 . TYR A 1 24 ? 4.274   -2.990  -3.067  1.00 38.21 ? 24  TYR A CE2 1 
ATOM   208 C CZ  . TYR A 1 24 ? 4.783   -2.238  -4.107  1.00 41.41 ? 24  TYR A CZ  1 
ATOM   209 O OH  . TYR A 1 24 ? 5.834   -2.722  -4.859  1.00 40.60 ? 24  TYR A OH  1 
ATOM   210 N N   . PHE A 1 25 ? 3.225   -0.852  0.746   1.00 37.09 ? 25  PHE A N   1 
ATOM   211 C CA  . PHE A 1 25 ? 4.439   -1.244  1.439   1.00 40.31 ? 25  PHE A CA  1 
ATOM   212 C C   . PHE A 1 25 ? 5.007   -2.460  0.722   1.00 40.00 ? 25  PHE A C   1 
ATOM   213 O O   . PHE A 1 25 ? 4.376   -3.520  0.696   1.00 39.59 ? 25  PHE A O   1 
ATOM   214 C CB  . PHE A 1 25 ? 4.145   -1.555  2.904   1.00 40.01 ? 25  PHE A CB  1 
ATOM   215 C CG  . PHE A 1 25 ? 5.363   -1.673  3.744   1.00 37.88 ? 25  PHE A CG  1 
ATOM   216 C CD1 . PHE A 1 25 ? 6.216   -0.581  3.903   1.00 38.06 ? 25  PHE A CD1 1 
ATOM   217 C CD2 . PHE A 1 25 ? 5.667   -2.867  4.384   1.00 40.28 ? 25  PHE A CD2 1 
ATOM   218 C CE1 . PHE A 1 25 ? 7.360   -0.672  4.689   1.00 38.80 ? 25  PHE A CE1 1 
ATOM   219 C CE2 . PHE A 1 25 ? 6.820   -2.981  5.179   1.00 41.06 ? 25  PHE A CE2 1 
ATOM   220 C CZ  . PHE A 1 25 ? 7.669   -1.877  5.331   1.00 39.51 ? 25  PHE A CZ  1 
ATOM   221 N N   . LYS A 1 26 ? 6.170   -2.295  0.104   1.00 40.52 ? 26  LYS A N   1 
ATOM   222 C CA  . LYS A 1 26 ? 6.929   -3.433  -0.406  1.00 40.97 ? 26  LYS A CA  1 
ATOM   223 C C   . LYS A 1 26 ? 7.743   -3.951  0.767   1.00 43.04 ? 26  LYS A C   1 
ATOM   224 O O   . LYS A 1 26 ? 8.828   -3.444  1.060   1.00 45.49 ? 26  LYS A O   1 
ATOM   225 C CB  . LYS A 1 26 ? 7.812   -3.019  -1.574  1.00 43.51 ? 26  LYS A CB  1 
ATOM   226 C CG  . LYS A 1 26 ? 8.512   -4.180  -2.257  1.00 46.16 ? 26  LYS A CG  1 
ATOM   227 C CD  . LYS A 1 26 ? 9.100   -3.741  -3.580  1.00 47.08 ? 26  LYS A CD  1 
ATOM   228 C CE  . LYS A 1 26 ? 9.786   -4.881  -4.314  1.00 45.80 ? 26  LYS A CE  1 
ATOM   229 N NZ  . LYS A 1 26 ? 10.681  -4.333  -5.387  1.00 53.18 ? 26  LYS A NZ  1 
ATOM   230 N N   . TRP A 1 27 ? 7.205   -4.960  1.466   1.00 40.54 ? 27  TRP A N   1 
ATOM   231 C CA  . TRP A 1 27 ? 7.768   -5.339  2.762   1.00 44.36 ? 27  TRP A CA  1 
ATOM   232 C C   . TRP A 1 27 ? 9.143   -5.983  2.649   1.00 48.29 ? 27  TRP A C   1 
ATOM   233 O O   . TRP A 1 27 ? 9.907   -5.953  3.620   1.00 48.24 ? 27  TRP A O   1 
ATOM   234 C CB  . TRP A 1 27 ? 6.816   -6.278  3.513   1.00 48.19 ? 27  TRP A CB  1 
ATOM   235 C CG  . TRP A 1 27 ? 6.893   -7.717  3.076   1.00 51.94 ? 27  TRP A CG  1 
ATOM   236 C CD1 . TRP A 1 27 ? 6.214   -8.299  2.034   1.00 54.77 ? 27  TRP A CD1 1 
ATOM   237 C CD2 . TRP A 1 27 ? 7.689   -8.749  3.658   1.00 52.73 ? 27  TRP A CD2 1 
ATOM   238 N NE1 . TRP A 1 27 ? 6.540   -9.626  1.938   1.00 53.62 ? 27  TRP A NE1 1 
ATOM   239 C CE2 . TRP A 1 27 ? 7.444   -9.932  2.921   1.00 56.97 ? 27  TRP A CE2 1 
ATOM   240 C CE3 . TRP A 1 27 ? 8.581   -8.795  4.735   1.00 55.11 ? 27  TRP A CE3 1 
ATOM   241 C CZ2 . TRP A 1 27 ? 8.061   -11.145 3.228   1.00 54.34 ? 27  TRP A CZ2 1 
ATOM   242 C CZ3 . TRP A 1 27 ? 9.192   -9.999  5.036   1.00 57.81 ? 27  TRP A CZ3 1 
ATOM   243 C CH2 . TRP A 1 27 ? 8.930   -11.159 4.284   1.00 56.22 ? 27  TRP A CH2 1 
ATOM   244 N N   . THR A 1 28 ? 9.477   -6.565  1.496   1.00 47.29 ? 28  THR A N   1 
ATOM   245 C CA  . THR A 1 28 ? 10.805  -7.129  1.321   1.00 47.37 ? 28  THR A CA  1 
ATOM   246 C C   . THR A 1 28 ? 11.872  -6.056  1.181   1.00 46.27 ? 28  THR A C   1 
ATOM   247 O O   . THR A 1 28 ? 13.048  -6.339  1.404   1.00 48.74 ? 28  THR A O   1 
ATOM   248 C CB  . THR A 1 28 ? 10.839  -8.051  0.105   1.00 46.00 ? 28  THR A CB  1 
ATOM   249 O OG1 . THR A 1 28 ? 10.468  -7.311  -1.066  1.00 52.64 ? 28  THR A OG1 1 
ATOM   250 C CG2 . THR A 1 28 ? 9.886   -9.219  0.307   1.00 43.80 ? 28  THR A CG2 1 
ATOM   251 N N   . ALA A 1 29 ? 11.492  -4.836  0.817   1.00 45.97 ? 29  ALA A N   1 
ATOM   252 C CA  . ALA A 1 29 ? 12.410  -3.710  0.786   1.00 43.59 ? 29  ALA A CA  1 
ATOM   253 C C   . ALA A 1 29 ? 12.168  -2.748  1.938   1.00 45.13 ? 29  ALA A C   1 
ATOM   254 O O   . ALA A 1 29 ? 12.898  -1.759  2.066   1.00 44.70 ? 29  ALA A O   1 
ATOM   255 C CB  . ALA A 1 29 ? 12.294  -2.966  -0.554  1.00 37.60 ? 29  ALA A CB  1 
ATOM   256 N N   . LYS A 1 30 ? 11.156  -3.010  2.769   1.00 45.08 ? 30  LYS A N   1 
ATOM   257 C CA  . LYS A 1 30 ? 10.786  -2.138  3.884   1.00 43.34 ? 30  LYS A CA  1 
ATOM   258 C C   . LYS A 1 30 ? 10.556  -0.692  3.436   1.00 42.66 ? 30  LYS A C   1 
ATOM   259 O O   . LYS A 1 30 ? 10.858  0.248   4.171   1.00 43.21 ? 30  LYS A O   1 
ATOM   260 C CB  . LYS A 1 30 ? 11.836  -2.191  4.999   1.00 41.91 ? 30  LYS A CB  1 
ATOM   261 C CG  . LYS A 1 30 ? 12.088  -3.588  5.541   1.00 48.28 ? 30  LYS A CG  1 
ATOM   262 C CD  . LYS A 1 30 ? 13.083  -3.565  6.699   1.00 47.82 ? 30  LYS A CD  1 
ATOM   263 C CE  . LYS A 1 30 ? 13.335  -4.967  7.225   1.00 48.03 ? 30  LYS A CE  1 
ATOM   264 N NZ  . LYS A 1 30 ? 14.291  -4.952  8.361   1.00 48.98 ? 30  LYS A NZ  1 
ATOM   265 N N   . LYS A 1 31 ? 10.005  -0.485  2.241   1.00 44.51 ? 31  LYS A N   1 
ATOM   266 C CA  . LYS A 1 31 ? 9.736   0.865   1.765   1.00 44.64 ? 31  LYS A CA  1 
ATOM   267 C C   . LYS A 1 31 ? 8.281   1.029   1.359   1.00 40.76 ? 31  LYS A C   1 
ATOM   268 O O   . LYS A 1 31 ? 7.662   0.123   0.789   1.00 40.94 ? 31  LYS A O   1 
ATOM   269 C CB  . LYS A 1 31 ? 10.622  1.256   0.576   1.00 43.99 ? 31  LYS A CB  1 
ATOM   270 C CG  . LYS A 1 31 ? 12.097  1.165   0.854   1.00 51.76 ? 31  LYS A CG  1 
ATOM   271 C CD  . LYS A 1 31 ? 12.875  2.291   0.189   1.00 58.27 ? 31  LYS A CD  1 
ATOM   272 C CE  . LYS A 1 31 ? 13.850  2.927   1.171   1.00 69.22 ? 31  LYS A CE  1 
ATOM   273 N NZ  . LYS A 1 31 ? 14.556  1.878   1.979   1.00 60.34 ? 31  LYS A NZ  1 
ATOM   274 N N   . CYS A 1 32 ? 7.755   2.204   1.660   1.00 38.42 ? 32  CYS A N   1 
ATOM   275 C CA  . CYS A 1 32 ? 6.502   2.652   1.091   1.00 38.52 ? 32  CYS A CA  1 
ATOM   276 C C   . CYS A 1 32 ? 6.760   3.148   -0.328  1.00 39.88 ? 32  CYS A C   1 
ATOM   277 O O   . CYS A 1 32 ? 7.606   4.018   -0.539  1.00 40.08 ? 32  CYS A O   1 
ATOM   278 C CB  . CYS A 1 32 ? 5.915   3.746   1.971   1.00 40.10 ? 32  CYS A CB  1 
ATOM   279 S SG  . CYS A 1 32 ? 5.365   3.085   3.541   1.00 39.96 ? 32  CYS A SG  1 
ATOM   280 N N   . LEU A 1 33 ? 6.050   2.582   -1.302  1.00 38.17 ? 33  LEU A N   1 
ATOM   281 C CA  . LEU A 1 33 ? 6.256   2.879   -2.711  1.00 37.72 ? 33  LEU A CA  1 
ATOM   282 C C   . LEU A 1 33 ? 4.954   3.334   -3.376  1.00 37.83 ? 33  LEU A C   1 
ATOM   283 O O   . LEU A 1 33 ? 3.869   2.860   -3.023  1.00 38.18 ? 33  LEU A O   1 
ATOM   284 C CB  . LEU A 1 33 ? 6.808   1.648   -3.444  1.00 38.30 ? 33  LEU A CB  1 
ATOM   285 C CG  . LEU A 1 33 ? 8.176   1.117   -2.999  1.00 41.62 ? 33  LEU A CG  1 
ATOM   286 C CD1 . LEU A 1 33 ? 8.584   -0.061  -3.863  1.00 39.01 ? 33  LEU A CD1 1 
ATOM   287 C CD2 . LEU A 1 33 ? 9.247   2.224   -3.070  1.00 35.59 ? 33  LEU A CD2 1 
ATOM   288 N N   . PRO A 1 34 ? 5.029   4.262   -4.325  1.00 40.02 ? 34  PRO A N   1 
ATOM   289 C CA  . PRO A 1 34 ? 3.813   4.707   -5.019  1.00 39.52 ? 34  PRO A CA  1 
ATOM   290 C C   . PRO A 1 34 ? 3.286   3.644   -5.971  1.00 38.31 ? 34  PRO A C   1 
ATOM   291 O O   . PRO A 1 34 ? 4.041   2.837   -6.513  1.00 41.68 ? 34  PRO A O   1 
ATOM   292 C CB  . PRO A 1 34 ? 4.287   5.946   -5.795  1.00 37.90 ? 34  PRO A CB  1 
ATOM   293 C CG  . PRO A 1 34 ? 5.728   5.662   -6.068  1.00 38.60 ? 34  PRO A CG  1 
ATOM   294 C CD  . PRO A 1 34 ? 6.230   4.962   -4.816  1.00 36.83 ? 34  PRO A CD  1 
ATOM   295 N N   . PHE A 1 35 ? 1.971   3.656   -6.181  1.00 34.39 ? 35  PHE A N   1 
ATOM   296 C CA  . PHE A 1 35 ? 1.384   2.880   -7.268  1.00 36.82 ? 35  PHE A CA  1 
ATOM   297 C C   . PHE A 1 35 ? 0.038   3.487   -7.642  1.00 37.63 ? 35  PHE A C   1 
ATOM   298 O O   . PHE A 1 35 ? -0.512  4.323   -6.917  1.00 40.46 ? 35  PHE A O   1 
ATOM   299 C CB  . PHE A 1 35 ? 1.254   1.388   -6.908  1.00 36.31 ? 35  PHE A CB  1 
ATOM   300 C CG  . PHE A 1 35 ? 0.056   1.035   -6.047  1.00 35.18 ? 35  PHE A CG  1 
ATOM   301 C CD1 . PHE A 1 35 ? 0.092   1.221   -4.666  1.00 34.68 ? 35  PHE A CD1 1 
ATOM   302 C CD2 . PHE A 1 35 ? -1.083  0.456   -6.618  1.00 32.22 ? 35  PHE A CD2 1 
ATOM   303 C CE1 . PHE A 1 35 ? -0.998  0.852   -3.861  1.00 37.08 ? 35  PHE A CE1 1 
ATOM   304 C CE2 . PHE A 1 35 ? -2.175  0.088   -5.834  1.00 34.96 ? 35  PHE A CE2 1 
ATOM   305 C CZ  . PHE A 1 35 ? -2.140  0.279   -4.449  1.00 37.27 ? 35  PHE A CZ  1 
ATOM   306 N N   . LEU A 1 36 ? -0.466  3.082   -8.802  1.00 32.46 ? 36  LEU A N   1 
ATOM   307 C CA  . LEU A 1 36 ? -1.756  3.543   -9.292  1.00 38.89 ? 36  LEU A CA  1 
ATOM   308 C C   . LEU A 1 36 ? -2.806  2.478   -8.985  1.00 37.33 ? 36  LEU A C   1 
ATOM   309 O O   . LEU A 1 36 ? -2.719  1.355   -9.486  1.00 35.83 ? 36  LEU A O   1 
ATOM   310 C CB  . LEU A 1 36 ? -1.709  3.851   -10.794 1.00 35.71 ? 36  LEU A CB  1 
ATOM   311 C CG  . LEU A 1 36 ? -0.783  5.004   -11.198 1.00 40.84 ? 36  LEU A CG  1 
ATOM   312 C CD1 . LEU A 1 36 ? -0.883  5.301   -12.698 1.00 33.21 ? 36  LEU A CD1 1 
ATOM   313 C CD2 . LEU A 1 36 ? -1.050  6.270   -10.360 1.00 36.73 ? 36  LEU A CD2 1 
ATOM   314 N N   . PHE A 1 37 ? -3.778  2.837   -8.146  1.00 38.33 ? 37  PHE A N   1 
ATOM   315 C CA  . PHE A 1 37 ? -4.894  1.967   -7.803  1.00 37.27 ? 37  PHE A CA  1 
ATOM   316 C C   . PHE A 1 37 ? -6.047  2.207   -8.778  1.00 38.94 ? 37  PHE A C   1 
ATOM   317 O O   . PHE A 1 37 ? -6.346  3.352   -9.136  1.00 39.91 ? 37  PHE A O   1 
ATOM   318 C CB  . PHE A 1 37 ? -5.324  2.231   -6.356  1.00 36.28 ? 37  PHE A CB  1 
ATOM   319 C CG  . PHE A 1 37 ? -6.525  1.450   -5.911  1.00 38.51 ? 37  PHE A CG  1 
ATOM   320 C CD1 . PHE A 1 37 ? -6.598  0.079   -6.111  1.00 39.69 ? 37  PHE A CD1 1 
ATOM   321 C CD2 . PHE A 1 37 ? -7.584  2.086   -5.274  1.00 40.58 ? 37  PHE A CD2 1 
ATOM   322 C CE1 . PHE A 1 37 ? -7.716  -0.650  -5.688  1.00 39.32 ? 37  PHE A CE1 1 
ATOM   323 C CE2 . PHE A 1 37 ? -8.706  1.358   -4.838  1.00 40.62 ? 37  PHE A CE2 1 
ATOM   324 C CZ  . PHE A 1 37 ? -8.767  -0.007  -5.049  1.00 37.93 ? 37  PHE A CZ  1 
ATOM   325 N N   . SER A 1 38 ? -6.677  1.118   -9.228  1.00 36.83 ? 38  SER A N   1 
ATOM   326 C CA  . SER A 1 38 ? -7.724  1.233   -10.239 1.00 40.48 ? 38  SER A CA  1 
ATOM   327 C C   . SER A 1 38 ? -9.014  1.810   -9.675  1.00 41.35 ? 38  SER A C   1 
ATOM   328 O O   . SER A 1 38 ? -9.826  2.333   -10.444 1.00 38.12 ? 38  SER A O   1 
ATOM   329 C CB  . SER A 1 38 ? -8.010  -0.127  -10.886 1.00 37.15 ? 38  SER A CB  1 
ATOM   330 O OG  . SER A 1 38 ? -8.752  -0.952  -10.015 1.00 35.85 ? 38  SER A OG  1 
ATOM   331 N N   . GLY A 1 39 ? -9.230  1.719   -8.361  1.00 40.69 ? 39  GLY A N   1 
ATOM   332 C CA  . GLY A 1 39 ? -10.423 2.243   -7.728  1.00 38.90 ? 39  GLY A CA  1 
ATOM   333 C C   . GLY A 1 39 ? -11.311 1.209   -7.065  1.00 38.99 ? 39  GLY A C   1 
ATOM   334 O O   . GLY A 1 39 ? -12.139 1.582   -6.225  1.00 37.61 ? 39  GLY A O   1 
ATOM   335 N N   . CYS A 1 40 ? -11.170 -0.075  -7.407  1.00 37.27 ? 40  CYS A N   1 
ATOM   336 C CA  . CYS A 1 40 ? -11.848 -1.125  -6.656  1.00 38.89 ? 40  CYS A CA  1 
ATOM   337 C C   . CYS A 1 40 ? -11.057 -2.428  -6.749  1.00 39.22 ? 40  CYS A C   1 
ATOM   338 O O   . CYS A 1 40 ? -10.102 -2.549  -7.516  1.00 39.99 ? 40  CYS A O   1 
ATOM   339 C CB  . CYS A 1 40 ? -13.277 -1.335  -7.165  1.00 41.97 ? 40  CYS A CB  1 
ATOM   340 S SG  . CYS A 1 40 ? -13.347 -2.136  -8.786  1.00 44.20 ? 40  CYS A SG  1 
ATOM   341 N N   . GLY A 1 41 ? -11.491 -3.419  -5.971  1.00 41.92 ? 41  GLY A N   1 
ATOM   342 C CA  . GLY A 1 41 ? -10.873 -4.731  -6.019  1.00 36.92 ? 41  GLY A CA  1 
ATOM   343 C C   . GLY A 1 41 ? -9.441  -4.759  -5.531  1.00 42.20 ? 41  GLY A C   1 
ATOM   344 O O   . GLY A 1 41 ? -8.658  -5.607  -5.974  1.00 41.77 ? 41  GLY A O   1 
ATOM   345 N N   . GLY A 1 42 ? -9.072  -3.842  -4.641  1.00 37.38 ? 42  GLY A N   1 
ATOM   346 C CA  . GLY A 1 42 ? -7.757  -3.830  -4.043  1.00 42.09 ? 42  GLY A CA  1 
ATOM   347 C C   . GLY A 1 42 ? -7.704  -4.675  -2.788  1.00 46.98 ? 42  GLY A C   1 
ATOM   348 O O   . GLY A 1 42 ? -8.583  -5.497  -2.516  1.00 48.80 ? 42  GLY A O   1 
ATOM   349 N N   . ASN A 1 43 ? -6.652  -4.471  -2.007  1.00 40.19 ? 43  ASN A N   1 
ATOM   350 C CA  . ASN A 1 43 ? -6.568  -5.128  -0.712  1.00 39.95 ? 43  ASN A CA  1 
ATOM   351 C C   . ASN A 1 43 ? -6.135  -4.079  0.306   1.00 42.25 ? 43  ASN A C   1 
ATOM   352 O O   . ASN A 1 43 ? -6.168  -2.875  0.040   1.00 41.56 ? 43  ASN A O   1 
ATOM   353 C CB  . ASN A 1 43 ? -5.655  -6.365  -0.777  1.00 35.72 ? 43  ASN A CB  1 
ATOM   354 C CG  . ASN A 1 43 ? -4.202  -6.020  -1.094  1.00 43.02 ? 43  ASN A CG  1 
ATOM   355 O OD1 . ASN A 1 43 ? -3.759  -4.883  -0.906  1.00 40.42 ? 43  ASN A OD1 1 
ATOM   356 N ND2 . ASN A 1 43 ? -3.455  -7.007  -1.583  1.00 39.06 ? 43  ASN A ND2 1 
ATOM   357 N N   . ALA A 1 44 ? -5.719  -4.539  1.482   1.00 42.93 ? 44  ALA A N   1 
ATOM   358 C CA  . ALA A 1 44 ? -5.460  -3.619  2.577   1.00 40.63 ? 44  ALA A CA  1 
ATOM   359 C C   . ALA A 1 44 ? -4.095  -2.942  2.489   1.00 43.16 ? 44  ALA A C   1 
ATOM   360 O O   . ALA A 1 44 ? -3.840  -2.003  3.252   1.00 42.38 ? 44  ALA A O   1 
ATOM   361 C CB  . ALA A 1 44 ? -5.604  -4.352  3.905   1.00 39.56 ? 44  ALA A CB  1 
ATOM   362 N N   . ASN A 1 45 ? -3.224  -3.373  1.578   1.00 40.08 ? 45  ASN A N   1 
ATOM   363 C CA  . ASN A 1 45 ? -1.920  -2.733  1.416   1.00 37.67 ? 45  ASN A CA  1 
ATOM   364 C C   . ASN A 1 45 ? -2.048  -1.551  0.454   1.00 36.47 ? 45  ASN A C   1 
ATOM   365 O O   . ASN A 1 45 ? -1.546  -1.555  -0.667  1.00 39.00 ? 45  ASN A O   1 
ATOM   366 C CB  . ASN A 1 45 ? -0.880  -3.740  0.937   1.00 37.04 ? 45  ASN A CB  1 
ATOM   367 C CG  . ASN A 1 45 ? 0.540   -3.228  1.120   1.00 42.12 ? 45  ASN A CG  1 
ATOM   368 O OD1 . ASN A 1 45 ? 0.743   -2.101  1.577   1.00 41.67 ? 45  ASN A OD1 1 
ATOM   369 N ND2 . ASN A 1 45 ? 1.525   -4.043  0.764   1.00 39.24 ? 45  ASN A ND2 1 
ATOM   370 N N   . ARG A 1 46 ? -2.745  -0.518  0.921   1.00 37.93 ? 46  ARG A N   1 
ATOM   371 C CA  . ARG A 1 46 ? -2.969  0.677   0.114   1.00 39.04 ? 46  ARG A CA  1 
ATOM   372 C C   . ARG A 1 46 ? -3.150  1.867   1.042   1.00 37.63 ? 46  ARG A C   1 
ATOM   373 O O   . ARG A 1 46 ? -3.902  1.793   2.013   1.00 40.88 ? 46  ARG A O   1 
ATOM   374 C CB  . ARG A 1 46 ? -4.194  0.536   -0.808  1.00 35.55 ? 46  ARG A CB  1 
ATOM   375 C CG  . ARG A 1 46 ? -4.494  1.825   -1.597  1.00 37.71 ? 46  ARG A CG  1 
ATOM   376 C CD  . ARG A 1 46 ? -5.720  1.714   -2.512  1.00 42.58 ? 46  ARG A CD  1 
ATOM   377 N NE  . ARG A 1 46 ? -7.003  1.572   -1.799  1.00 44.72 ? 46  ARG A NE  1 
ATOM   378 C CZ  . ARG A 1 46 ? -7.659  0.412   -1.631  1.00 51.88 ? 46  ARG A CZ  1 
ATOM   379 N NH1 . ARG A 1 46 ? -7.162  -0.733  -2.117  1.00 43.48 ? 46  ARG A NH1 1 
ATOM   380 N NH2 . ARG A 1 46 ? -8.820  0.390   -0.970  1.00 51.45 ? 46  ARG A NH2 1 
ATOM   381 N N   . PHE A 1 47 ? -2.462  2.959   0.746   1.00 38.36 ? 47  PHE A N   1 
ATOM   382 C CA  . PHE A 1 47 ? -2.520  4.134   1.597   1.00 39.50 ? 47  PHE A CA  1 
ATOM   383 C C   . PHE A 1 47 ? -2.619  5.378   0.730   1.00 42.82 ? 47  PHE A C   1 
ATOM   384 O O   . PHE A 1 47 ? -2.084  5.428   -0.382  1.00 42.13 ? 47  PHE A O   1 
ATOM   385 C CB  . PHE A 1 47 ? -1.303  4.179   2.525   1.00 39.94 ? 47  PHE A CB  1 
ATOM   386 C CG  . PHE A 1 47 ? -1.049  2.880   3.204   1.00 40.20 ? 47  PHE A CG  1 
ATOM   387 C CD1 . PHE A 1 47 ? -1.726  2.556   4.373   1.00 40.85 ? 47  PHE A CD1 1 
ATOM   388 C CD2 . PHE A 1 47 ? -0.188  1.948   2.647   1.00 36.60 ? 47  PHE A CD2 1 
ATOM   389 C CE1 . PHE A 1 47 ? -1.532  1.341   4.989   1.00 37.97 ? 47  PHE A CE1 1 
ATOM   390 C CE2 . PHE A 1 47 ? 0.014   0.735   3.256   1.00 38.05 ? 47  PHE A CE2 1 
ATOM   391 C CZ  . PHE A 1 47 ? -0.659  0.427   4.436   1.00 38.38 ? 47  PHE A CZ  1 
ATOM   392 N N   . GLN A 1 48 ? -3.341  6.376   1.240   1.00 44.49 ? 48  GLN A N   1 
ATOM   393 C CA  . GLN A 1 48 ? -3.518  7.601   0.476   1.00 48.09 ? 48  GLN A CA  1 
ATOM   394 C C   . GLN A 1 48 ? -2.271  8.477   0.509   1.00 46.33 ? 48  GLN A C   1 
ATOM   395 O O   . GLN A 1 48 ? -2.008  9.212   -0.444  1.00 48.91 ? 48  GLN A O   1 
ATOM   396 C CB  . GLN A 1 48 ? -4.737  8.364   0.996   1.00 53.27 ? 48  GLN A CB  1 
ATOM   397 C CG  . GLN A 1 48 ? -5.020  9.669   0.255   1.00 57.71 ? 48  GLN A CG  1 
ATOM   398 C CD  . GLN A 1 48 ? -5.314  9.454   -1.223  1.00 56.39 ? 48  GLN A CD  1 
ATOM   399 O OE1 . GLN A 1 48 ? -5.942  8.467   -1.605  1.00 63.12 ? 48  GLN A OE1 1 
ATOM   400 N NE2 . GLN A 1 48 ? -4.860  10.380  -2.061  1.00 56.91 ? 48  GLN A NE2 1 
ATOM   401 N N   . THR A 1 49 ? -1.485  8.406   1.572   1.00 47.20 ? 49  THR A N   1 
ATOM   402 C CA  . THR A 1 49 ? -0.281  9.215   1.674   1.00 49.19 ? 49  THR A CA  1 
ATOM   403 C C   . THR A 1 49 ? 0.881   8.330   2.081   1.00 44.82 ? 49  THR A C   1 
ATOM   404 O O   . THR A 1 49 ? 0.694   7.313   2.759   1.00 43.08 ? 49  THR A O   1 
ATOM   405 C CB  . THR A 1 49 ? -0.438  10.341  2.698   1.00 51.55 ? 49  THR A CB  1 
ATOM   406 O OG1 . THR A 1 49 ? -0.689  9.767   3.989   1.00 52.71 ? 49  THR A OG1 1 
ATOM   407 C CG2 . THR A 1 49 ? -1.599  11.258  2.322   1.00 42.62 ? 49  THR A CG2 1 
ATOM   408 N N   . ILE A 1 50 ? 2.084   8.726   1.665   1.00 41.03 ? 50  ILE A N   1 
ATOM   409 C CA  . ILE A 1 50 ? 3.258   7.988   2.103   1.00 41.58 ? 50  ILE A CA  1 
ATOM   410 C C   . ILE A 1 50 ? 3.401   8.054   3.624   1.00 47.25 ? 50  ILE A C   1 
ATOM   411 O O   . ILE A 1 50 ? 3.873   7.097   4.255   1.00 45.69 ? 50  ILE A O   1 
ATOM   412 C CB  . ILE A 1 50 ? 4.519   8.495   1.381   1.00 44.31 ? 50  ILE A CB  1 
ATOM   413 C CG1 . ILE A 1 50 ? 5.625   7.443   1.497   1.00 42.78 ? 50  ILE A CG1 1 
ATOM   414 C CG2 . ILE A 1 50 ? 4.957   9.847   1.939   1.00 41.23 ? 50  ILE A CG2 1 
ATOM   415 C CD1 . ILE A 1 50 ? 6.898   7.780   0.754   1.00 41.14 ? 50  ILE A CD1 1 
ATOM   416 N N   . GLY A 1 51 ? 2.969   9.158   4.244   1.00 43.85 ? 51  GLY A N   1 
ATOM   417 C CA  . GLY A 1 51 ? 3.043   9.253   5.692   1.00 42.65 ? 51  GLY A CA  1 
ATOM   418 C C   . GLY A 1 51 ? 2.180   8.218   6.392   1.00 47.77 ? 51  GLY A C   1 
ATOM   419 O O   . GLY A 1 51 ? 2.617   7.574   7.354   1.00 47.10 ? 51  GLY A O   1 
ATOM   420 N N   . GLU A 1 52 ? 0.941   8.048   5.925   1.00 43.76 ? 52  GLU A N   1 
ATOM   421 C CA  . GLU A 1 52 ? 0.076   7.035   6.509   1.00 45.26 ? 52  GLU A CA  1 
ATOM   422 C C   . GLU A 1 52 ? 0.681   5.649   6.342   1.00 44.84 ? 52  GLU A C   1 
ATOM   423 O O   . GLU A 1 52 ? 0.616   4.823   7.260   1.00 44.57 ? 52  GLU A O   1 
ATOM   424 C CB  . GLU A 1 52 ? -1.315  7.102   5.880   1.00 44.40 ? 52  GLU A CB  1 
ATOM   425 C CG  . GLU A 1 52 ? -2.310  6.125   6.475   1.00 43.91 ? 52  GLU A CG  1 
ATOM   426 C CD  . GLU A 1 52 ? -3.467  5.775   5.533   1.00 56.03 ? 52  GLU A CD  1 
ATOM   427 O OE1 . GLU A 1 52 ? -4.151  4.763   5.811   1.00 60.74 ? 52  GLU A OE1 1 
ATOM   428 O OE2 . GLU A 1 52 ? -3.709  6.499   4.531   1.00 54.14 ? 52  GLU A OE2 1 
ATOM   429 N N   . CYS A 1 53 ? 1.309   5.388   5.189   1.00 42.69 ? 53  CYS A N   1 
ATOM   430 C CA  . CYS A 1 53 ? 1.987   4.110   4.989   1.00 43.07 ? 53  CYS A CA  1 
ATOM   431 C C   . CYS A 1 53 ? 3.135   3.928   5.986   1.00 44.37 ? 53  CYS A C   1 
ATOM   432 O O   . CYS A 1 53 ? 3.281   2.864   6.598   1.00 42.87 ? 53  CYS A O   1 
ATOM   433 C CB  . CYS A 1 53 ? 2.492   4.004   3.552   1.00 38.44 ? 53  CYS A CB  1 
ATOM   434 S SG  . CYS A 1 53 ? 3.439   2.492   3.209   1.00 39.38 ? 53  CYS A SG  1 
ATOM   435 N N   . ARG A 1 54 ? 3.956   4.962   6.170   1.00 43.36 ? 54  ARG A N   1 
ATOM   436 C CA  . ARG A 1 54 ? 5.079   4.844   7.094   1.00 42.39 ? 54  ARG A CA  1 
ATOM   437 C C   . ARG A 1 54 ? 4.599   4.695   8.527   1.00 42.40 ? 54  ARG A C   1 
ATOM   438 O O   . ARG A 1 54 ? 5.205   3.962   9.317   1.00 43.62 ? 54  ARG A O   1 
ATOM   439 C CB  . ARG A 1 54 ? 5.999   6.050   6.962   1.00 42.10 ? 54  ARG A CB  1 
ATOM   440 C CG  . ARG A 1 54 ? 6.851   5.982   5.728   1.00 44.84 ? 54  ARG A CG  1 
ATOM   441 C CD  . ARG A 1 54 ? 7.311   7.340   5.323   1.00 41.95 ? 54  ARG A CD  1 
ATOM   442 N NE  . ARG A 1 54 ? 8.392   7.248   4.360   1.00 42.31 ? 54  ARG A NE  1 
ATOM   443 C CZ  . ARG A 1 54 ? 8.847   8.283   3.660   1.00 44.06 ? 54  ARG A CZ  1 
ATOM   444 N NH1 . ARG A 1 54 ? 8.310   9.487   3.816   1.00 45.03 ? 54  ARG A NH1 1 
ATOM   445 N NH2 . ARG A 1 54 ? 9.840   8.112   2.806   1.00 47.39 ? 54  ARG A NH2 1 
ATOM   446 N N   . LYS A 1 55 ? 3.512   5.378   8.878   1.00 43.03 ? 55  LYS A N   1 
ATOM   447 C CA  . LYS A 1 55 ? 2.985   5.270   10.230  1.00 43.73 ? 55  LYS A CA  1 
ATOM   448 C C   . LYS A 1 55 ? 2.546   3.843   10.522  1.00 43.94 ? 55  LYS A C   1 
ATOM   449 O O   . LYS A 1 55 ? 2.928   3.260   11.544  1.00 43.72 ? 55  LYS A O   1 
ATOM   450 C CB  . LYS A 1 55 ? 1.826   6.247   10.420  1.00 45.46 ? 55  LYS A CB  1 
ATOM   451 C CG  . LYS A 1 55 ? 1.144   6.138   11.776  1.00 45.84 ? 55  LYS A CG  1 
ATOM   452 C CD  . LYS A 1 55 ? 0.366   7.403   12.101  1.00 51.98 ? 55  LYS A CD  1 
ATOM   453 C CE  . LYS A 1 55 ? -1.071  7.096   12.483  1.00 59.48 ? 55  LYS A CE  1 
ATOM   454 N NZ  . LYS A 1 55 ? -1.602  8.060   13.490  1.00 68.08 ? 55  LYS A NZ  1 
ATOM   455 N N   . LYS A 1 56 ? 1.775   3.248   9.611   1.00 41.98 ? 56  LYS A N   1 
ATOM   456 C CA  . LYS A 1 56 ? 1.188   1.943   9.882   1.00 41.28 ? 56  LYS A CA  1 
ATOM   457 C C   . LYS A 1 56 ? 2.185   0.813   9.659   1.00 40.54 ? 56  LYS A C   1 
ATOM   458 O O   . LYS A 1 56 ? 2.243   -0.124  10.457  1.00 42.34 ? 56  LYS A O   1 
ATOM   459 C CB  . LYS A 1 56 ? -0.060  1.743   9.016   1.00 43.46 ? 56  LYS A CB  1 
ATOM   460 C CG  . LYS A 1 56 ? -1.202  2.686   9.383   1.00 44.42 ? 56  LYS A CG  1 
ATOM   461 C CD  . LYS A 1 56 ? -2.544  2.172   8.904   1.00 56.40 ? 56  LYS A CD  1 
ATOM   462 C CE  . LYS A 1 56 ? -3.509  3.314   8.569   1.00 62.80 ? 56  LYS A CE  1 
ATOM   463 N NZ  . LYS A 1 56 ? -4.696  2.837   7.790   1.00 61.20 ? 56  LYS A NZ  1 
ATOM   464 N N   . CYS A 1 57 ? 2.981   0.881   8.598   1.00 41.48 ? 57  CYS A N   1 
ATOM   465 C CA  . CYS A 1 57 ? 3.827   -0.246  8.227   1.00 39.37 ? 57  CYS A CA  1 
ATOM   466 C C   . CYS A 1 57 ? 5.210   -0.188  8.862   1.00 43.27 ? 57  CYS A C   1 
ATOM   467 O O   . CYS A 1 57 ? 5.818   -1.242  9.091   1.00 38.45 ? 57  CYS A O   1 
ATOM   468 C CB  . CYS A 1 57 ? 3.962   -0.320  6.703   1.00 36.05 ? 57  CYS A CB  1 
ATOM   469 S SG  . CYS A 1 57 ? 2.378   -0.620  5.899   1.00 42.11 ? 57  CYS A SG  1 
ATOM   470 N N   . LEU A 1 58 ? 5.733   1.010   9.136   1.00 40.13 ? 58  LEU A N   1 
ATOM   471 C CA  . LEU A 1 58 ? 7.013   1.119   9.812   1.00 42.86 ? 58  LEU A CA  1 
ATOM   472 C C   . LEU A 1 58 ? 6.876   1.467   11.288  1.00 42.54 ? 58  LEU A C   1 
ATOM   473 O O   . LEU A 1 58 ? 7.829   1.270   12.045  1.00 38.87 ? 58  LEU A O   1 
ATOM   474 C CB  . LEU A 1 58 ? 7.896   2.161   9.111   1.00 40.27 ? 58  LEU A CB  1 
ATOM   475 C CG  . LEU A 1 58 ? 8.366   1.747   7.714   1.00 38.25 ? 58  LEU A CG  1 
ATOM   476 C CD1 . LEU A 1 58 ? 9.107   2.884   7.015   1.00 37.60 ? 58  LEU A CD1 1 
ATOM   477 C CD2 . LEU A 1 58 ? 9.237   0.519   7.783   1.00 35.35 ? 58  LEU A CD2 1 
ATOM   478 N N   . GLY A 1 59 ? 5.710   1.942   11.716  1.00 41.81 ? 59  GLY A N   1 
ATOM   479 C CA  . GLY A 1 59 ? 5.574   2.418   13.072  1.00 41.81 ? 59  GLY A CA  1 
ATOM   480 C C   . GLY A 1 59 ? 6.059   3.829   13.276  1.00 44.54 ? 59  GLY A C   1 
ATOM   481 O O   . GLY A 1 59 ? 6.245   4.248   14.422  1.00 44.76 ? 59  GLY A O   1 
ATOM   482 N N   . LYS A 1 60 ? 6.267   4.583   12.202  1.00 43.09 ? 60  LYS A N   1 
ATOM   483 C CA  . LYS A 1 60 ? 6.769   5.940   12.325  1.00 45.70 ? 60  LYS A CA  1 
ATOM   484 C C   . LYS A 1 60 ? 5.811   6.829   13.104  1.00 48.89 ? 60  LYS A C   1 
ATOM   485 O O   . LYS A 1 60 ? 6.253   7.637   13.929  1.00 48.72 ? 60  LYS A O   1 
ATOM   486 C CB  . LYS A 1 60 ? 7.035   6.548   10.954  1.00 44.44 ? 60  LYS A CB  1 
ATOM   487 C CG  . LYS A 1 60 ? 7.613   7.939   11.041  1.00 44.55 ? 60  LYS A CG  1 
ATOM   488 C CD  . LYS A 1 60 ? 8.063   8.455   9.687   1.00 45.34 ? 60  LYS A CD  1 
ATOM   489 C CE  . LYS A 1 60 ? 8.461   9.912   9.795   1.00 38.00 ? 60  LYS A CE  1 
ATOM   490 N NZ  . LYS A 1 60 ? 8.688   10.458  8.451   1.00 47.21 ? 60  LYS A NZ  1 
ATOM   491 O OXT . LYS A 1 60 ? 4.592   6.759   12.926  1.00 45.66 ? 60  LYS A OXT 1 
HETATM 492 O O   . HOH B 2 .  ? -1.489  -12.586 2.063   1.00 58.70 ? 101 HOH A O   1 
HETATM 493 O O   . HOH B 2 .  ? -7.957  -3.034  -13.542 1.00 59.03 ? 102 HOH A O   1 
HETATM 494 O O   . HOH B 2 .  ? -2.878  9.712   -10.366 1.00 51.55 ? 103 HOH A O   1 
HETATM 495 O O   . HOH B 2 .  ? 3.882   9.104   12.082  1.00 48.27 ? 104 HOH A O   1 
HETATM 496 O O   . HOH B 2 .  ? -9.690  -0.829  1.183   1.00 54.13 ? 105 HOH A O   1 
HETATM 497 O O   . HOH B 2 .  ? 6.837   -1.290  -6.837  1.00 35.19 ? 106 HOH A O   1 
HETATM 498 O O   . HOH B 2 .  ? -0.082  -10.482 4.700   1.00 43.28 ? 107 HOH A O   1 
HETATM 499 O O   . HOH B 2 .  ? -2.297  -3.197  -2.643  1.00 36.34 ? 108 HOH A O   1 
HETATM 500 O O   . HOH B 2 .  ? 6.300   1.445   -6.996  1.00 40.49 ? 109 HOH A O   1 
HETATM 501 O O   . HOH B 2 .  ? 10.379  0.548   11.320  1.00 37.98 ? 110 HOH A O   1 
HETATM 502 O O   . HOH B 2 .  ? 6.300   -7.926  16.333  1.00 34.67 ? 111 HOH A O   1 
HETATM 503 O O   . HOH B 2 .  ? 4.649   3.562   -9.104  1.00 44.51 ? 112 HOH A O   1 
HETATM 504 O O   . HOH B 2 .  ? 8.382   1.745   14.717  1.00 43.03 ? 113 HOH A O   1 
HETATM 505 O O   . HOH B 2 .  ? -4.979  -2.107  -3.176  1.00 39.11 ? 114 HOH A O   1 
HETATM 506 O O   . HOH B 2 .  ? -7.484  1.349   -14.645 1.00 48.12 ? 115 HOH A O   1 
HETATM 507 O O   . HOH B 2 .  ? -4.421  -10.024 -4.724  1.00 57.94 ? 116 HOH A O   1 
HETATM 508 O O   . HOH B 2 .  ? 6.073   10.919  7.466   1.00 57.97 ? 117 HOH A O   1 
HETATM 509 O O   . HOH B 2 .  ? 5.692   -5.498  -5.504  1.00 40.28 ? 118 HOH A O   1 
HETATM 510 O O   . HOH B 2 .  ? 2.236   11.160  0.136   1.00 42.66 ? 119 HOH A O   1 
HETATM 511 O O   . HOH B 2 .  ? 4.300   -6.383  0.400   1.00 45.93 ? 120 HOH A O   1 
HETATM 512 O O   . HOH B 2 .  ? 13.687  -3.856  13.404  1.00 38.17 ? 121 HOH A O   1 
HETATM 513 O O   . HOH B 2 .  ? 1.375   -0.723  13.149  1.00 47.91 ? 122 HOH A O   1 
HETATM 514 O O   . HOH B 2 .  ? 10.465  -10.976 10.889  1.00 53.39 ? 123 HOH A O   1 
HETATM 515 O O   . HOH B 2 .  ? 3.715   -9.549  -0.762  1.00 61.83 ? 124 HOH A O   1 
HETATM 516 O O   . HOH B 2 .  ? 3.739   -6.618  -4.183  1.00 37.10 ? 125 HOH A O   1 
HETATM 517 O O   . HOH B 2 .  ? 1.106   9.214   -9.460  1.00 47.63 ? 126 HOH A O   1 
HETATM 518 O O   . HOH B 2 .  ? -4.819  10.546  -7.847  1.00 47.85 ? 127 HOH A O   1 
HETATM 519 O O   . HOH B 2 .  ? 2.105   -12.181 2.285   1.00 55.77 ? 128 HOH A O   1 
HETATM 520 O O   . HOH B 2 .  ? 4.591   9.053   9.091   1.00 48.12 ? 129 HOH A O   1 
HETATM 521 O O   . HOH B 2 .  ? 1.316   7.773   -5.751  1.00 47.14 ? 130 HOH A O   1 
HETATM 522 O O   . HOH B 2 .  ? 7.760   -13.751 13.876  1.00 39.88 ? 131 HOH A O   1 
HETATM 523 O O   . HOH B 2 .  ? 4.549   9.741   15.409  1.00 51.11 ? 132 HOH A O   1 
HETATM 524 O O   . HOH B 2 .  ? 2.366   12.178  3.900   1.00 51.60 ? 133 HOH A O   1 
HETATM 525 O O   . HOH B 2 .  ? 9.310   4.459   3.149   1.00 26.51 ? 134 HOH A O   1 
HETATM 526 O O   . HOH B 2 .  ? 12.474  -7.451  4.610   1.00 54.32 ? 135 HOH A O   1 
HETATM 527 O O   . HOH B 2 .  ? 13.551  -3.057  10.794  1.00 40.03 ? 136 HOH A O   1 
HETATM 528 O O   . HOH B 2 .  ? 9.688   -1.673  -7.229  1.00 48.24 ? 137 HOH A O   1 
HETATM 529 O O   . HOH B 2 .  ? -4.006  -5.890  12.659  1.00 43.70 ? 138 HOH A O   1 
HETATM 530 O O   . HOH B 2 .  ? -9.765  -3.688  0.726   1.00 56.36 ? 139 HOH A O   1 
HETATM 531 O O   . HOH B 2 .  ? 5.016   12.554  4.578   1.00 59.34 ? 140 HOH A O   1 
HETATM 532 O O   . HOH B 2 .  ? 9.730   -3.356  8.272   1.00 23.60 ? 141 HOH A O   1 
HETATM 533 O O   . HOH B 2 .  ? -4.632  -3.134  12.679  1.00 47.88 ? 142 HOH A O   1 
HETATM 534 O O   . HOH B 2 .  ? 11.592  -1.569  9.846   1.00 37.64 ? 143 HOH A O   1 
HETATM 535 O O   . HOH B 2 .  ? 4.002   11.685  -1.220  1.00 56.14 ? 144 HOH A O   1 
HETATM 536 O O   . HOH B 2 .  ? 6.165   10.701  -1.978  1.00 56.01 ? 145 HOH A O   1 
# 
